data_9EUO
#
_entry.id   9EUO
#
_cell.length_a   1.00
_cell.length_b   1.00
_cell.length_c   1.00
_cell.angle_alpha   90.00
_cell.angle_beta   90.00
_cell.angle_gamma   90.00
#
_symmetry.space_group_name_H-M   'P 1'
#
loop_
_entity.id
_entity.type
_entity.pdbx_description
1 polymer 'Sodium-dependent dopamine transporter'
2 polymer '9D5 ANTIBODY, LIGHT CHAIN'
3 polymer '9D5 ANTIBODY, HEAVY CHAIN'
4 non-polymer N-[3-(6-chloranyl-1,3,4,9-tetrahydropyrido[3,4-b]indol-2-yl)propyl]butanamide
5 non-polymer 'CHOLESTEROL HEMISUCCINATE'
6 non-polymer TRIS-HYDROXYMETHYL-METHYL-AMMONIUM
7 non-polymer CHOLESTEROL
8 non-polymer 'SODIUM ION'
9 non-polymer 'CHLORIDE ION'
#
loop_
_entity_poly.entity_id
_entity_poly.type
_entity_poly.pdbx_seq_one_letter_code
_entity_poly.pdbx_strand_id
1 'polypeptide(L)'
;MNSISDERETWSGKVDFLLSVIGFAVDLANVWRFPYLCYKNGGGAFLVPYGIMLAVGGIPLFYMELALGQHNRKGAITCW
GRLVPLFKGIGYAVVLIAFYVDFYYNVIIAWSLRFFFASFTNSLPWTSCNNIWNTPNCRPFESQGFQSAASEYFNRYILE
LNRSEGIHDLGAIKWDMALCLLIVYLICYFSLWKGISTSGKVVWFTALFPYAALLILLIRGLTLPGSFLGIQYYLTPNFS
AIYKAEVWADAATQVFFSLGPGFGVLLAYASYNKYHNNVYKDALLTSFINSATSFIAGFVIFSVLGYMAHTLGVRIEDVA
TEGPGLVFVVYPAAIATMPASTFWALIFFMMLATLGLDSSFGGSEAIITALSDEFPKIKRNRELFVAGLFSLYFVVGLAS
CTQGGFYFFHLLDRYAAGYSILVAVFFEAIAVSWIYGTNRFSEDIRDMIGFPPGRYWQVCWRFVAPIFLLFITVYLLIGY
EPLTYADYVYPSWANALGWCIAGSSVVMIPAVAIFKLLSTPGSLRQRFTILTTPWRDQQLVPR
;
A
2 'polypeptide(L)'
;MDFQVQIFSFLLISASVAMSRGENVLTQSPAIMSTSPGEKVTMTCRASSSVGSSYLHWYQQKSGASPKLWIYSTSNLASG
VPARFSGSGSGTSYSLTISSVEAEDAATYYCQQFSGYPLTFGSGTKLEMKRADAAPTVSIFPPSSEQLTSGGASVVCFLN
NFYPKDINVKWKIDGSERQNGVLNSWTDQDSKDSTYSMSSTLTLTKDEYERHNSYTCEATHKTSTSPIVKSFNRNEC
;
L
3 'polypeptide(L)'
;MNFGLRLVFLVLILKGVQCEVQLVESGGGLVKPGGSLKLSCAASGFTFSSYAMSWVRQSPEKRLEWVAEISSGGRYIYYS
DTVTGRFTISRDNARNILHLEMSSLRSEDTAMYYCARGEVRQRGFDYWGQGTTLTVSSAKTTAPSVYPLAPVCGDTTGSS
VTLGCLVKGYFPEPVTLTWNSGSLSSGVHTFPAVLQSDLYTLSSSVTVTSSTWPSQSITCNVAHPASSTKVDKKIEPRGP
;
H
#
loop_
_chem_comp.id
_chem_comp.type
_chem_comp.name
_chem_comp.formula
144 non-polymer TRIS-HYDROXYMETHYL-METHYL-AMMONIUM 'C4 H12 N O3 1'
A1H8F non-polymer N-[3-(6-chloranyl-1,3,4,9-tetrahydropyrido[3,4-b]indol-2-yl)propyl]butanamide 'C18 H24 Cl N3 O'
CL non-polymer 'CHLORIDE ION' 'Cl -1'
CLR non-polymer CHOLESTEROL 'C27 H46 O'
NA non-polymer 'SODIUM ION' 'Na 1'
Y01 non-polymer 'CHOLESTEROL HEMISUCCINATE' 'C31 H50 O4'
#
# COMPACT_ATOMS: atom_id res chain seq x y z
N ASP A 6 -6.18 23.93 -2.10
CA ASP A 6 -5.31 22.97 -1.42
C ASP A 6 -5.23 21.68 -2.22
N GLU A 7 -5.56 21.76 -3.50
CA GLU A 7 -5.54 20.61 -4.39
C GLU A 7 -4.15 20.43 -4.98
N ARG A 8 -3.81 19.18 -5.32
CA ARG A 8 -2.43 18.80 -5.57
C ARG A 8 -2.34 17.94 -6.81
N GLU A 9 -1.12 17.78 -7.31
CA GLU A 9 -0.87 16.96 -8.47
C GLU A 9 -1.21 15.49 -8.20
N THR A 10 -1.37 14.73 -9.27
CA THR A 10 -1.71 13.31 -9.21
C THR A 10 -0.83 12.54 -10.18
N TRP A 11 -0.85 11.21 -10.04
CA TRP A 11 0.12 10.38 -10.72
C TRP A 11 0.12 10.52 -12.24
N SER A 12 -0.97 11.01 -12.83
CA SER A 12 -1.07 11.05 -14.28
C SER A 12 -0.98 9.65 -14.87
N GLY A 13 -1.39 8.65 -14.10
CA GLY A 13 -1.46 7.29 -14.58
C GLY A 13 -1.56 6.33 -13.42
N LYS A 14 -2.53 5.42 -13.46
CA LYS A 14 -2.68 4.46 -12.37
C LYS A 14 -1.51 3.49 -12.36
N VAL A 15 -1.06 3.10 -13.55
CA VAL A 15 0.05 2.16 -13.64
C VAL A 15 1.33 2.80 -13.13
N ASP A 16 1.46 4.12 -13.18
CA ASP A 16 2.62 4.76 -12.57
C ASP A 16 2.62 4.54 -11.06
N PHE A 17 1.45 4.63 -10.43
CA PHE A 17 1.38 4.35 -9.01
C PHE A 17 1.71 2.91 -8.71
N LEU A 18 1.09 1.99 -9.45
CA LEU A 18 1.34 0.58 -9.20
C LEU A 18 2.82 0.24 -9.38
N LEU A 19 3.41 0.63 -10.50
CA LEU A 19 4.82 0.34 -10.74
C LEU A 19 5.73 1.04 -9.75
N SER A 20 5.35 2.22 -9.25
CA SER A 20 6.19 2.86 -8.25
C SER A 20 6.15 2.13 -6.91
N VAL A 21 4.97 1.69 -6.50
CA VAL A 21 4.89 0.94 -5.25
C VAL A 21 5.55 -0.43 -5.38
N ILE A 22 5.40 -1.08 -6.54
CA ILE A 22 6.09 -2.34 -6.78
C ILE A 22 7.60 -2.14 -6.80
N GLY A 23 8.07 -1.07 -7.44
CA GLY A 23 9.49 -0.74 -7.40
C GLY A 23 10.00 -0.58 -5.99
N PHE A 24 9.33 0.24 -5.20
CA PHE A 24 9.77 0.44 -3.82
C PHE A 24 9.71 -0.85 -3.02
N ALA A 25 8.66 -1.63 -3.18
CA ALA A 25 8.45 -2.83 -2.38
C ALA A 25 9.33 -4.01 -2.80
N VAL A 26 10.07 -3.91 -3.89
CA VAL A 26 10.83 -5.03 -4.43
C VAL A 26 12.31 -4.63 -4.38
N ASP A 27 12.95 -4.94 -3.27
CA ASP A 27 14.32 -4.53 -2.96
C ASP A 27 15.27 -5.64 -3.37
N LEU A 28 16.57 -5.40 -3.19
CA LEU A 28 17.51 -6.50 -3.25
C LEU A 28 17.22 -7.55 -2.18
N ALA A 29 16.62 -7.15 -1.07
CA ALA A 29 16.29 -8.09 -0.01
C ALA A 29 15.37 -9.21 -0.49
N ASN A 30 14.60 -9.00 -1.55
CA ASN A 30 13.85 -10.10 -2.12
C ASN A 30 14.75 -11.14 -2.73
N VAL A 31 15.91 -10.74 -3.23
CA VAL A 31 16.84 -11.67 -3.85
C VAL A 31 17.79 -12.29 -2.84
N TRP A 32 18.40 -11.48 -1.97
CA TRP A 32 19.51 -11.96 -1.16
C TRP A 32 19.12 -12.32 0.27
N ARG A 33 17.84 -12.28 0.61
CA ARG A 33 17.40 -12.69 1.95
C ARG A 33 16.33 -13.77 1.90
N PHE A 34 15.22 -13.55 1.22
CA PHE A 34 14.13 -14.53 1.28
C PHE A 34 14.57 -15.92 0.82
N PRO A 35 15.30 -16.06 -0.28
CA PRO A 35 15.73 -17.42 -0.67
C PRO A 35 16.59 -18.07 0.38
N TYR A 36 17.48 -17.30 1.01
CA TYR A 36 18.30 -17.82 2.09
C TYR A 36 17.44 -18.23 3.27
N LEU A 37 16.41 -17.45 3.60
CA LEU A 37 15.55 -17.84 4.71
C LEU A 37 14.82 -19.13 4.42
N CYS A 38 14.33 -19.30 3.20
CA CYS A 38 13.68 -20.56 2.86
C CYS A 38 14.65 -21.73 2.99
N TYR A 39 15.86 -21.58 2.46
CA TYR A 39 16.85 -22.65 2.59
C TYR A 39 17.17 -22.96 4.03
N LYS A 40 17.43 -21.93 4.82
CA LYS A 40 17.81 -22.12 6.22
C LYS A 40 16.67 -22.71 7.04
N ASN A 41 15.44 -22.21 6.84
CA ASN A 41 14.34 -22.47 7.75
C ASN A 41 13.34 -23.46 7.20
N GLY A 42 13.82 -24.59 6.69
CA GLY A 42 12.95 -25.70 6.35
C GLY A 42 12.32 -25.63 4.98
N GLY A 43 12.90 -24.88 4.06
CA GLY A 43 12.47 -24.96 2.67
C GLY A 43 11.04 -24.52 2.47
N GLY A 44 10.30 -25.30 1.68
CA GLY A 44 8.92 -24.98 1.38
C GLY A 44 8.01 -24.94 2.59
N ALA A 45 8.43 -25.51 3.70
CA ALA A 45 7.65 -25.39 4.93
C ALA A 45 7.65 -23.97 5.46
N PHE A 46 8.70 -23.20 5.16
CA PHE A 46 8.74 -21.81 5.59
C PHE A 46 7.63 -20.98 4.98
N LEU A 47 7.07 -21.40 3.85
CA LEU A 47 5.94 -20.68 3.27
C LEU A 47 4.68 -20.77 4.12
N VAL A 48 4.66 -21.62 5.14
CA VAL A 48 3.57 -21.60 6.12
C VAL A 48 3.78 -20.42 7.07
N PRO A 49 4.85 -20.36 7.87
CA PRO A 49 5.10 -19.12 8.62
C PRO A 49 5.07 -17.88 7.76
N TYR A 50 5.66 -17.94 6.58
CA TYR A 50 5.71 -16.75 5.73
C TYR A 50 4.33 -16.36 5.24
N GLY A 51 3.56 -17.31 4.73
CA GLY A 51 2.22 -16.99 4.26
C GLY A 51 1.32 -16.48 5.36
N ILE A 52 1.41 -17.09 6.54
CA ILE A 52 0.57 -16.66 7.66
C ILE A 52 0.96 -15.25 8.11
N MET A 53 2.24 -15.01 8.34
CA MET A 53 2.67 -13.68 8.78
C MET A 53 2.49 -12.63 7.68
N LEU A 54 2.44 -13.05 6.41
CA LEU A 54 2.10 -12.10 5.35
C LEU A 54 0.64 -11.73 5.42
N ALA A 55 -0.25 -12.72 5.56
CA ALA A 55 -1.68 -12.43 5.59
C ALA A 55 -2.07 -11.68 6.84
N VAL A 56 -1.39 -11.96 7.95
CA VAL A 56 -1.69 -11.40 9.26
C VAL A 56 -0.59 -10.40 9.60
N GLY A 57 -0.96 -9.16 9.83
CA GLY A 57 0.03 -8.11 10.05
C GLY A 57 0.71 -7.49 8.85
N GLY A 58 1.28 -8.30 7.97
CA GLY A 58 2.00 -7.77 6.83
C GLY A 58 1.12 -6.95 5.89
N ILE A 59 0.22 -7.64 5.20
CA ILE A 59 -0.70 -6.94 4.29
C ILE A 59 -1.64 -6.02 5.04
N PRO A 60 -2.18 -6.36 6.21
CA PRO A 60 -2.98 -5.37 6.94
C PRO A 60 -2.27 -4.04 7.15
N LEU A 61 -1.01 -4.06 7.59
CA LEU A 61 -0.26 -2.81 7.76
C LEU A 61 0.05 -2.13 6.43
N PHE A 62 0.27 -2.91 5.38
CA PHE A 62 0.57 -2.32 4.07
C PHE A 62 -0.66 -1.60 3.51
N TYR A 63 -1.82 -2.26 3.59
CA TYR A 63 -3.09 -1.65 3.22
C TYR A 63 -3.42 -0.44 4.09
N MET A 64 -3.16 -0.54 5.39
CA MET A 64 -3.41 0.61 6.26
C MET A 64 -2.60 1.81 5.84
N GLU A 65 -1.32 1.62 5.52
CA GLU A 65 -0.50 2.77 5.15
C GLU A 65 -0.94 3.34 3.82
N LEU A 66 -1.20 2.50 2.82
CA LEU A 66 -1.69 3.03 1.55
C LEU A 66 -3.00 3.80 1.74
N ALA A 67 -3.92 3.28 2.54
CA ALA A 67 -5.18 3.97 2.77
C ALA A 67 -4.98 5.30 3.47
N LEU A 68 -4.13 5.35 4.49
CA LEU A 68 -3.85 6.62 5.15
C LEU A 68 -3.29 7.62 4.15
N GLY A 69 -2.34 7.19 3.34
CA GLY A 69 -1.72 8.11 2.39
C GLY A 69 -2.73 8.68 1.42
N GLN A 70 -3.54 7.81 0.83
CA GLN A 70 -4.53 8.28 -0.14
C GLN A 70 -5.58 9.16 0.51
N HIS A 71 -6.01 8.84 1.73
CA HIS A 71 -7.08 9.61 2.34
C HIS A 71 -6.60 11.00 2.74
N ASN A 72 -5.50 11.08 3.48
CA ASN A 72 -5.10 12.36 4.05
C ASN A 72 -4.44 13.29 3.03
N ARG A 73 -4.05 12.78 1.87
CA ARG A 73 -3.51 13.60 0.80
C ARG A 73 -2.30 14.41 1.25
N LYS A 74 -1.56 13.93 2.24
CA LYS A 74 -0.35 14.61 2.69
C LYS A 74 0.73 13.59 3.00
N GLY A 75 1.98 14.00 2.83
CA GLY A 75 3.09 13.16 3.19
C GLY A 75 3.22 12.96 4.68
N ALA A 76 4.17 12.11 5.04
CA ALA A 76 4.19 11.53 6.39
C ALA A 76 4.04 12.57 7.49
N ILE A 77 4.84 13.65 7.45
CA ILE A 77 4.89 14.56 8.59
C ILE A 77 3.53 15.20 8.82
N THR A 78 2.90 15.66 7.75
CA THR A 78 1.60 16.30 7.92
C THR A 78 0.50 15.28 8.07
N CYS A 79 0.63 14.12 7.42
CA CYS A 79 -0.38 13.10 7.58
C CYS A 79 -0.54 12.73 9.05
N TRP A 80 0.56 12.41 9.72
CA TRP A 80 0.49 12.08 11.14
C TRP A 80 0.17 13.30 12.01
N GLY A 81 0.62 14.50 11.64
CA GLY A 81 0.23 15.66 12.42
C GLY A 81 -1.25 15.96 12.36
N ARG A 82 -1.90 15.64 11.24
CA ARG A 82 -3.35 15.81 11.10
C ARG A 82 -4.13 14.65 11.71
N LEU A 83 -3.60 13.44 11.61
CA LEU A 83 -4.35 12.27 12.06
C LEU A 83 -4.45 12.24 13.58
N VAL A 84 -3.33 12.40 14.27
CA VAL A 84 -3.29 12.38 15.73
C VAL A 84 -2.22 13.36 16.20
N PRO A 85 -2.57 14.63 16.43
CA PRO A 85 -1.53 15.63 16.71
C PRO A 85 -0.54 15.22 17.79
N LEU A 86 -0.97 14.48 18.81
CA LEU A 86 -0.05 14.04 19.85
C LEU A 86 1.12 13.26 19.26
N PHE A 87 0.85 12.40 18.29
CA PHE A 87 1.87 11.53 17.72
C PHE A 87 2.51 12.10 16.48
N LYS A 88 2.41 13.42 16.27
CA LYS A 88 3.05 14.04 15.12
C LYS A 88 4.50 13.63 14.96
N GLY A 89 5.19 13.39 16.06
CA GLY A 89 6.57 12.95 16.02
C GLY A 89 6.84 11.73 15.17
N ILE A 90 5.82 10.91 14.92
CA ILE A 90 6.01 9.75 14.04
C ILE A 90 6.48 10.19 12.67
N GLY A 91 5.93 11.29 12.15
CA GLY A 91 6.35 11.73 10.84
C GLY A 91 7.81 12.14 10.80
N TYR A 92 8.28 12.85 11.82
CA TYR A 92 9.68 13.25 11.86
C TYR A 92 10.58 12.04 12.07
N ALA A 93 10.14 11.08 12.88
CA ALA A 93 10.91 9.85 13.05
C ALA A 93 11.07 9.13 11.72
N VAL A 94 9.98 8.95 10.98
CA VAL A 94 10.05 8.24 9.72
C VAL A 94 10.90 9.00 8.71
N VAL A 95 10.83 10.32 8.72
CA VAL A 95 11.65 11.09 7.78
C VAL A 95 13.12 10.97 8.14
N LEU A 96 13.46 11.02 9.44
CA LEU A 96 14.85 10.80 9.83
C LEU A 96 15.33 9.41 9.43
N ILE A 97 14.49 8.40 9.59
CA ILE A 97 14.89 7.05 9.24
C ILE A 97 15.16 6.95 7.74
N ALA A 98 14.27 7.51 6.91
CA ALA A 98 14.53 7.51 5.48
C ALA A 98 15.82 8.25 5.15
N PHE A 99 16.07 9.35 5.86
CA PHE A 99 17.26 10.14 5.61
C PHE A 99 18.51 9.35 5.94
N TYR A 100 18.52 8.69 7.10
CA TYR A 100 19.66 7.86 7.46
C TYR A 100 19.82 6.67 6.53
N VAL A 101 18.73 6.14 5.99
CA VAL A 101 18.88 5.04 5.05
C VAL A 101 19.59 5.51 3.79
N ASP A 102 19.29 6.72 3.32
CA ASP A 102 19.88 7.12 2.05
C ASP A 102 21.40 7.23 2.12
N PHE A 103 21.99 7.41 3.30
CA PHE A 103 23.44 7.45 3.38
C PHE A 103 24.09 6.12 3.05
N TYR A 104 23.47 5.01 3.44
CA TYR A 104 24.07 3.70 3.26
C TYR A 104 23.49 2.91 2.09
N TYR A 105 22.19 3.03 1.84
CA TYR A 105 21.56 2.15 0.86
C TYR A 105 22.09 2.39 -0.54
N ASN A 106 22.31 3.66 -0.91
CA ASN A 106 22.83 3.97 -2.24
C ASN A 106 24.20 3.37 -2.51
N VAL A 107 24.93 2.97 -1.47
CA VAL A 107 26.24 2.37 -1.69
C VAL A 107 26.10 1.01 -2.36
N ILE A 108 25.03 0.27 -2.05
CA ILE A 108 24.83 -1.02 -2.70
C ILE A 108 24.64 -0.82 -4.20
N ILE A 109 23.94 0.25 -4.58
CA ILE A 109 23.78 0.56 -5.99
C ILE A 109 25.11 1.00 -6.59
N ALA A 110 25.90 1.74 -5.83
CA ALA A 110 27.22 2.13 -6.32
C ALA A 110 28.08 0.91 -6.61
N TRP A 111 28.07 -0.08 -5.71
CA TRP A 111 28.79 -1.33 -5.98
C TRP A 111 28.22 -2.06 -7.19
N SER A 112 26.90 -2.08 -7.32
CA SER A 112 26.30 -2.72 -8.49
C SER A 112 26.77 -2.07 -9.78
N LEU A 113 26.83 -0.74 -9.82
CA LEU A 113 27.36 -0.07 -11.00
C LEU A 113 28.86 -0.33 -11.19
N ARG A 114 29.61 -0.38 -10.09
CA ARG A 114 31.04 -0.65 -10.22
C ARG A 114 31.30 -2.02 -10.83
N PHE A 115 30.51 -3.02 -10.43
CA PHE A 115 30.63 -4.32 -11.07
C PHE A 115 30.08 -4.31 -12.48
N PHE A 116 29.04 -3.53 -12.75
CA PHE A 116 28.53 -3.41 -14.11
C PHE A 116 29.59 -2.89 -15.05
N PHE A 117 30.28 -1.82 -14.66
CA PHE A 117 31.38 -1.32 -15.49
C PHE A 117 32.55 -2.28 -15.51
N ALA A 118 32.77 -3.04 -14.44
CA ALA A 118 33.81 -4.06 -14.46
C ALA A 118 33.49 -5.21 -15.41
N SER A 119 32.21 -5.40 -15.75
CA SER A 119 31.83 -6.50 -16.63
C SER A 119 32.11 -6.24 -18.10
N PHE A 120 32.40 -5.01 -18.48
CA PHE A 120 32.71 -4.72 -19.88
C PHE A 120 34.10 -5.22 -20.23
N THR A 121 34.27 -6.53 -20.23
CA THR A 121 35.56 -7.14 -20.55
C THR A 121 35.33 -8.52 -21.14
N ASN A 122 36.29 -8.97 -21.95
CA ASN A 122 36.21 -10.29 -22.55
C ASN A 122 36.45 -11.40 -21.56
N SER A 123 37.01 -11.10 -20.39
CA SER A 123 37.29 -12.12 -19.37
C SER A 123 37.11 -11.46 -18.01
N LEU A 124 36.06 -11.85 -17.31
CA LEU A 124 35.69 -11.14 -16.10
C LEU A 124 36.82 -11.26 -15.07
N PRO A 125 37.13 -10.17 -14.34
CA PRO A 125 38.36 -10.17 -13.55
C PRO A 125 38.34 -11.06 -12.32
N TRP A 126 37.16 -11.41 -11.81
CA TRP A 126 37.06 -12.33 -10.68
C TRP A 126 37.13 -13.80 -11.09
N THR A 127 37.55 -14.11 -12.31
CA THR A 127 37.62 -15.50 -12.74
C THR A 127 38.70 -16.30 -12.01
N SER A 128 39.75 -15.67 -11.50
CA SER A 128 40.95 -16.43 -11.15
C SER A 128 41.76 -15.70 -10.09
N CYS A 129 42.71 -16.44 -9.51
CA CYS A 129 43.53 -15.98 -8.39
C CYS A 129 44.87 -15.37 -8.82
N ASN A 130 45.11 -15.19 -10.11
CA ASN A 130 46.43 -14.79 -10.58
C ASN A 130 46.62 -13.28 -10.65
N ASN A 131 45.64 -12.49 -10.22
CA ASN A 131 45.72 -11.05 -10.33
C ASN A 131 46.48 -10.45 -9.15
N ILE A 132 46.92 -9.20 -9.36
CA ILE A 132 47.78 -8.52 -8.38
C ILE A 132 47.10 -8.39 -7.02
N TRP A 133 45.78 -8.37 -6.98
CA TRP A 133 45.08 -8.22 -5.70
C TRP A 133 44.94 -9.53 -4.93
N ASN A 134 45.23 -10.67 -5.54
CA ASN A 134 45.02 -11.95 -4.88
C ASN A 134 46.15 -12.28 -3.92
N THR A 135 45.82 -13.01 -2.87
CA THR A 135 46.74 -13.58 -1.91
C THR A 135 46.96 -15.06 -2.18
N PRO A 136 47.99 -15.66 -1.59
CA PRO A 136 48.17 -17.11 -1.75
C PRO A 136 47.08 -17.95 -1.09
N ASN A 137 46.25 -17.37 -0.24
CA ASN A 137 45.08 -18.08 0.29
C ASN A 137 43.90 -18.06 -0.66
N CYS A 138 44.04 -17.47 -1.84
CA CYS A 138 42.97 -17.48 -2.82
C CYS A 138 42.79 -18.88 -3.41
N ARG A 139 41.55 -19.26 -3.62
CA ARG A 139 41.17 -20.46 -4.34
C ARG A 139 40.10 -20.14 -5.36
N PRO A 140 39.97 -20.93 -6.41
CA PRO A 140 39.03 -20.58 -7.48
C PRO A 140 37.61 -20.35 -6.99
N PHE A 141 37.13 -21.16 -6.05
CA PHE A 141 35.76 -21.05 -5.54
C PHE A 141 35.76 -21.24 -4.04
N GLU A 142 34.59 -21.00 -3.45
CA GLU A 142 34.46 -21.02 -2.00
C GLU A 142 35.02 -22.30 -1.42
N SER A 143 35.66 -22.20 -0.26
CA SER A 143 36.10 -23.38 0.47
C SER A 143 36.35 -22.96 1.92
N GLN A 144 36.28 -23.95 2.81
CA GLN A 144 36.60 -23.71 4.21
C GLN A 144 38.10 -23.42 4.36
N GLY A 145 38.41 -22.41 5.17
CA GLY A 145 39.79 -22.04 5.38
C GLY A 145 40.47 -21.37 4.21
N PHE A 146 39.71 -20.93 3.21
CA PHE A 146 40.27 -20.26 2.05
C PHE A 146 39.36 -19.11 1.66
N GLN A 147 39.89 -18.23 0.83
CA GLN A 147 39.13 -17.13 0.24
C GLN A 147 38.88 -17.45 -1.23
N SER A 148 37.65 -17.26 -1.68
CA SER A 148 37.36 -17.46 -3.08
C SER A 148 37.94 -16.33 -3.93
N ALA A 149 38.18 -16.64 -5.20
CA ALA A 149 38.70 -15.63 -6.12
C ALA A 149 37.75 -14.44 -6.23
N ALA A 150 36.45 -14.70 -6.24
CA ALA A 150 35.49 -13.60 -6.29
C ALA A 150 35.46 -12.82 -4.99
N SER A 151 35.63 -13.51 -3.86
CA SER A 151 35.74 -12.81 -2.58
C SER A 151 37.00 -11.97 -2.54
N GLU A 152 38.11 -12.50 -3.05
CA GLU A 152 39.34 -11.71 -3.14
C GLU A 152 39.12 -10.48 -4.01
N TYR A 153 38.40 -10.63 -5.11
CA TYR A 153 38.14 -9.47 -5.97
C TYR A 153 37.30 -8.43 -5.26
N PHE A 154 36.18 -8.86 -4.66
CA PHE A 154 35.29 -7.91 -4.00
C PHE A 154 35.99 -7.21 -2.84
N ASN A 155 36.56 -7.97 -1.91
CA ASN A 155 37.20 -7.37 -0.76
C ASN A 155 38.43 -6.56 -1.15
N ARG A 156 39.37 -7.18 -1.86
CA ARG A 156 40.70 -6.62 -2.03
C ARG A 156 40.84 -5.72 -3.25
N TYR A 157 39.84 -5.63 -4.11
CA TYR A 157 39.94 -4.76 -5.27
C TYR A 157 38.78 -3.77 -5.40
N ILE A 158 37.55 -4.23 -5.20
CA ILE A 158 36.43 -3.30 -5.25
C ILE A 158 36.33 -2.51 -3.95
N LEU A 159 36.33 -3.19 -2.81
CA LEU A 159 36.33 -2.49 -1.54
C LEU A 159 37.72 -2.03 -1.15
N GLU A 160 38.74 -2.84 -1.44
CA GLU A 160 40.05 -2.69 -0.83
C GLU A 160 39.97 -2.72 0.68
N LEU A 161 39.01 -3.49 1.20
CA LEU A 161 38.68 -3.42 2.62
C LEU A 161 39.87 -3.80 3.49
N ASN A 162 40.64 -4.80 3.06
CA ASN A 162 41.77 -5.23 3.87
C ASN A 162 42.90 -4.21 3.94
N ARG A 163 42.80 -3.08 3.25
CA ARG A 163 43.68 -1.95 3.50
C ARG A 163 43.23 -1.09 4.66
N SER A 164 42.09 -1.36 5.27
CA SER A 164 41.59 -0.59 6.40
C SER A 164 41.68 -1.41 7.67
N GLU A 165 42.22 -0.80 8.72
CA GLU A 165 42.28 -1.46 10.02
C GLU A 165 40.90 -1.61 10.66
N GLY A 166 39.91 -0.87 10.21
CA GLY A 166 38.63 -0.83 10.89
C GLY A 166 37.92 0.48 10.63
N ILE A 167 36.80 0.66 11.33
CA ILE A 167 36.02 1.87 11.16
C ILE A 167 36.71 3.12 11.70
N HIS A 168 37.74 2.97 12.51
CA HIS A 168 38.56 4.11 12.88
C HIS A 168 39.54 4.51 11.79
N ASP A 169 39.65 3.74 10.69
CA ASP A 169 40.70 3.91 9.70
C ASP A 169 40.10 3.76 8.29
N LEU A 170 39.26 4.74 7.91
CA LEU A 170 38.63 4.68 6.60
C LEU A 170 39.66 4.69 5.47
N GLY A 171 40.79 5.35 5.68
CA GLY A 171 41.81 5.41 4.64
C GLY A 171 41.44 6.37 3.51
N ALA A 172 42.02 6.11 2.35
CA ALA A 172 41.83 6.97 1.20
C ALA A 172 40.46 6.76 0.57
N ILE A 173 39.95 7.81 -0.07
CA ILE A 173 38.77 7.68 -0.92
C ILE A 173 39.13 6.96 -2.21
N LYS A 174 38.39 5.91 -2.53
CA LYS A 174 38.47 5.27 -3.84
C LYS A 174 37.65 6.09 -4.81
N TRP A 175 38.32 6.89 -5.64
CA TRP A 175 37.61 7.75 -6.57
C TRP A 175 36.88 6.97 -7.66
N ASP A 176 37.33 5.76 -7.99
CA ASP A 176 36.57 4.95 -8.94
C ASP A 176 35.23 4.51 -8.36
N MET A 177 35.14 4.36 -7.03
CA MET A 177 33.84 4.10 -6.41
C MET A 177 33.05 5.38 -6.22
N ALA A 178 33.73 6.48 -5.86
CA ALA A 178 33.05 7.75 -5.67
C ALA A 178 32.39 8.21 -6.95
N LEU A 179 33.02 7.97 -8.10
CA LEU A 179 32.40 8.33 -9.37
C LEU A 179 31.12 7.53 -9.61
N CYS A 180 31.12 6.24 -9.25
CA CYS A 180 29.91 5.44 -9.39
C CYS A 180 28.81 5.95 -8.47
N LEU A 181 29.16 6.30 -7.23
CA LEU A 181 28.14 6.84 -6.33
C LEU A 181 27.64 8.20 -6.82
N LEU A 182 28.50 8.98 -7.48
CA LEU A 182 28.05 10.20 -8.11
C LEU A 182 27.05 9.90 -9.21
N ILE A 183 27.31 8.89 -10.04
CA ILE A 183 26.36 8.55 -11.09
C ILE A 183 25.03 8.11 -10.49
N VAL A 184 25.09 7.38 -9.37
CA VAL A 184 23.85 6.99 -8.68
C VAL A 184 23.06 8.22 -8.26
N TYR A 185 23.72 9.19 -7.62
CA TYR A 185 22.97 10.36 -7.18
C TYR A 185 22.57 11.27 -8.33
N LEU A 186 23.30 11.26 -9.45
CA LEU A 186 22.81 11.99 -10.61
C LEU A 186 21.54 11.36 -11.16
N ILE A 187 21.46 10.03 -11.21
CA ILE A 187 20.24 9.39 -11.69
C ILE A 187 19.09 9.67 -10.73
N CYS A 188 19.36 9.56 -9.43
CA CYS A 188 18.30 9.87 -8.45
C CYS A 188 17.84 11.31 -8.58
N TYR A 189 18.77 12.26 -8.73
CA TYR A 189 18.38 13.65 -8.85
C TYR A 189 17.53 13.88 -10.09
N PHE A 190 18.04 13.51 -11.26
CA PHE A 190 17.30 13.82 -12.47
C PHE A 190 16.03 13.00 -12.62
N SER A 191 15.82 11.97 -11.80
CA SER A 191 14.51 11.34 -11.78
C SER A 191 13.56 12.00 -10.78
N LEU A 192 14.04 12.42 -9.62
CA LEU A 192 13.18 12.96 -8.57
C LEU A 192 12.98 14.48 -8.62
N TRP A 193 13.86 15.24 -9.27
CA TRP A 193 13.81 16.69 -9.14
C TRP A 193 12.45 17.26 -9.54
N LYS A 194 11.88 16.81 -10.65
CA LYS A 194 10.57 17.30 -11.09
C LYS A 194 9.40 16.58 -10.42
N GLY A 195 9.65 15.63 -9.56
CA GLY A 195 8.58 14.94 -8.87
C GLY A 195 7.98 13.81 -9.69
N ILE A 196 6.73 13.48 -9.36
CA ILE A 196 6.11 12.30 -9.93
C ILE A 196 5.92 12.39 -11.43
N SER A 197 5.93 13.60 -12.01
CA SER A 197 5.83 13.73 -13.46
C SER A 197 6.95 13.01 -14.19
N THR A 198 8.10 12.86 -13.54
CA THR A 198 9.23 12.10 -14.09
C THR A 198 9.47 10.80 -13.35
N SER A 199 9.31 10.80 -12.03
CA SER A 199 9.51 9.57 -11.27
C SER A 199 8.60 8.46 -11.77
N GLY A 200 7.34 8.78 -12.08
CA GLY A 200 6.43 7.76 -12.55
C GLY A 200 6.82 7.17 -13.89
N LYS A 201 7.55 7.92 -14.70
CA LYS A 201 8.01 7.42 -15.98
C LYS A 201 9.33 6.67 -15.87
N VAL A 202 10.22 7.09 -14.97
CA VAL A 202 11.47 6.37 -14.78
C VAL A 202 11.21 5.02 -14.15
N VAL A 203 10.21 4.91 -13.27
CA VAL A 203 9.92 3.60 -12.71
C VAL A 203 9.42 2.62 -13.75
N TRP A 204 8.94 3.07 -14.91
CA TRP A 204 8.61 2.12 -15.97
C TRP A 204 9.81 1.35 -16.45
N PHE A 205 11.01 1.90 -16.29
CA PHE A 205 12.24 1.13 -16.51
C PHE A 205 12.69 0.43 -15.24
N THR A 206 12.88 1.17 -14.16
CA THR A 206 13.55 0.60 -13.01
C THR A 206 12.74 -0.49 -12.31
N ALA A 207 11.41 -0.42 -12.36
CA ALA A 207 10.57 -1.43 -11.72
C ALA A 207 10.28 -2.64 -12.61
N LEU A 208 10.48 -2.52 -13.92
CA LEU A 208 10.18 -3.61 -14.84
C LEU A 208 11.41 -4.32 -15.37
N PHE A 209 12.57 -3.67 -15.45
CA PHE A 209 13.76 -4.39 -15.87
C PHE A 209 14.13 -5.52 -14.92
N PRO A 210 13.99 -5.40 -13.60
CA PRO A 210 14.20 -6.56 -12.74
C PRO A 210 13.43 -7.79 -13.15
N TYR A 211 12.25 -7.64 -13.77
CA TYR A 211 11.52 -8.83 -14.20
C TYR A 211 11.93 -9.33 -15.57
N ALA A 212 12.51 -8.48 -16.41
CA ALA A 212 13.21 -9.00 -17.58
C ALA A 212 14.39 -9.85 -17.14
N ALA A 213 15.14 -9.35 -16.16
CA ALA A 213 16.25 -10.14 -15.64
C ALA A 213 15.76 -11.43 -15.01
N LEU A 214 14.90 -11.34 -13.99
CA LEU A 214 14.41 -12.55 -13.35
C LEU A 214 13.67 -13.47 -14.31
N LEU A 215 13.35 -13.04 -15.53
CA LEU A 215 12.90 -13.98 -16.54
C LEU A 215 14.08 -14.66 -17.23
N ILE A 216 14.91 -13.90 -17.94
CA ILE A 216 15.92 -14.54 -18.77
C ILE A 216 17.04 -15.15 -17.95
N LEU A 217 17.33 -14.59 -16.78
CA LEU A 217 18.31 -15.16 -15.87
C LEU A 217 17.75 -16.36 -15.13
N LEU A 218 16.42 -16.44 -14.96
CA LEU A 218 15.80 -17.67 -14.47
C LEU A 218 15.87 -18.77 -15.52
N ILE A 219 15.64 -18.44 -16.77
CA ILE A 219 15.75 -19.43 -17.83
C ILE A 219 17.19 -19.93 -17.95
N ARG A 220 18.15 -19.03 -17.84
CA ARG A 220 19.55 -19.45 -17.77
C ARG A 220 19.79 -20.38 -16.58
N GLY A 221 19.30 -19.98 -15.40
CA GLY A 221 19.47 -20.80 -14.22
C GLY A 221 18.97 -22.21 -14.39
N LEU A 222 17.67 -22.35 -14.64
CA LEU A 222 17.05 -23.67 -14.64
C LEU A 222 17.60 -24.58 -15.73
N THR A 223 18.21 -24.05 -16.77
CA THR A 223 18.77 -24.89 -17.82
C THR A 223 20.19 -25.36 -17.51
N LEU A 224 20.80 -24.87 -16.43
CA LEU A 224 22.13 -25.33 -16.07
C LEU A 224 22.07 -26.77 -15.55
N PRO A 225 23.15 -27.53 -15.69
CA PRO A 225 23.22 -28.83 -15.01
C PRO A 225 23.21 -28.64 -13.50
N GLY A 226 22.57 -29.59 -12.82
CA GLY A 226 22.45 -29.51 -11.37
C GLY A 226 21.48 -28.48 -10.85
N SER A 227 20.68 -27.86 -11.72
CA SER A 227 19.70 -26.87 -11.25
C SER A 227 18.73 -27.50 -10.26
N PHE A 228 18.22 -28.68 -10.59
CA PHE A 228 17.15 -29.25 -9.79
C PHE A 228 17.64 -29.62 -8.40
N LEU A 229 18.93 -29.94 -8.26
CA LEU A 229 19.48 -30.10 -6.92
C LEU A 229 19.35 -28.81 -6.11
N GLY A 230 19.55 -27.67 -6.77
CA GLY A 230 19.38 -26.40 -6.09
C GLY A 230 17.93 -26.13 -5.73
N ILE A 231 17.01 -26.47 -6.63
CA ILE A 231 15.60 -26.32 -6.32
C ILE A 231 15.21 -27.23 -5.16
N GLN A 232 15.79 -28.42 -5.08
CA GLN A 232 15.54 -29.29 -3.94
C GLN A 232 16.04 -28.68 -2.64
N TYR A 233 17.25 -28.12 -2.64
CA TYR A 233 17.71 -27.45 -1.43
C TYR A 233 16.82 -26.27 -1.08
N TYR A 234 16.27 -25.60 -2.08
CA TYR A 234 15.44 -24.44 -1.84
C TYR A 234 14.10 -24.83 -1.22
N LEU A 235 13.47 -25.89 -1.71
CA LEU A 235 12.07 -26.16 -1.41
C LEU A 235 11.78 -27.52 -0.78
N THR A 236 12.78 -28.34 -0.49
CA THR A 236 12.48 -29.56 0.23
C THR A 236 11.82 -29.21 1.56
N PRO A 237 10.56 -29.55 1.77
CA PRO A 237 9.87 -29.09 2.98
C PRO A 237 10.29 -29.91 4.19
N ASN A 238 10.62 -29.21 5.29
CA ASN A 238 10.98 -29.85 6.55
C ASN A 238 10.08 -29.24 7.63
N PHE A 239 8.86 -29.75 7.73
CA PHE A 239 7.88 -29.18 8.65
C PHE A 239 8.30 -29.28 10.11
N SER A 240 9.31 -30.09 10.43
CA SER A 240 9.86 -30.08 11.78
C SER A 240 10.40 -28.71 12.16
N ALA A 241 10.82 -27.92 11.17
CA ALA A 241 11.41 -26.61 11.46
C ALA A 241 10.38 -25.59 11.89
N ILE A 242 9.19 -25.60 11.30
CA ILE A 242 8.20 -24.58 11.62
C ILE A 242 7.65 -24.69 13.05
N TYR A 243 7.99 -25.76 13.78
CA TYR A 243 7.62 -25.85 15.18
C TYR A 243 8.46 -24.93 16.07
N LYS A 244 9.50 -24.31 15.54
CA LYS A 244 10.42 -23.50 16.32
C LYS A 244 10.11 -22.03 16.12
N ALA A 245 9.94 -21.32 17.23
CA ALA A 245 9.51 -19.93 17.16
C ALA A 245 10.46 -19.07 16.34
N GLU A 246 11.75 -19.38 16.38
CA GLU A 246 12.72 -18.60 15.61
C GLU A 246 12.34 -18.52 14.14
N VAL A 247 11.70 -19.56 13.61
CA VAL A 247 11.24 -19.51 12.23
C VAL A 247 10.12 -18.51 12.07
N TRP A 248 9.24 -18.42 13.07
CA TRP A 248 8.16 -17.43 13.01
C TRP A 248 8.69 -16.01 13.14
N ALA A 249 9.73 -15.81 13.93
CA ALA A 249 10.33 -14.49 14.01
C ALA A 249 11.03 -14.11 12.71
N ASP A 250 11.75 -15.06 12.09
CA ASP A 250 12.35 -14.79 10.80
C ASP A 250 11.30 -14.47 9.73
N ALA A 251 10.19 -15.22 9.74
CA ALA A 251 9.11 -14.94 8.80
C ALA A 251 8.52 -13.57 9.03
N ALA A 252 8.22 -13.23 10.28
CA ALA A 252 7.59 -11.94 10.57
C ALA A 252 8.50 -10.79 10.19
N THR A 253 9.78 -10.85 10.58
CA THR A 253 10.68 -9.76 10.26
C THR A 253 10.87 -9.64 8.74
N GLN A 254 11.01 -10.77 8.04
CA GLN A 254 11.16 -10.70 6.60
C GLN A 254 9.93 -10.10 5.95
N VAL A 255 8.74 -10.48 6.39
CA VAL A 255 7.53 -9.89 5.83
C VAL A 255 7.52 -8.38 6.05
N PHE A 256 7.80 -7.95 7.28
CA PHE A 256 7.72 -6.54 7.59
C PHE A 256 8.70 -5.74 6.75
N PHE A 257 9.98 -6.11 6.77
CA PHE A 257 10.97 -5.34 6.01
C PHE A 257 10.83 -5.51 4.50
N SER A 258 10.33 -6.66 4.03
CA SER A 258 10.11 -6.84 2.60
C SER A 258 9.03 -5.89 2.10
N LEU A 259 7.88 -5.86 2.76
CA LEU A 259 6.82 -4.97 2.32
C LEU A 259 7.16 -3.52 2.65
N GLY A 260 7.78 -3.30 3.79
CA GLY A 260 8.00 -1.95 4.27
C GLY A 260 6.72 -1.21 4.56
N PRO A 261 5.82 -1.81 5.34
CA PRO A 261 4.58 -1.12 5.68
C PRO A 261 4.79 -0.12 6.80
N GLY A 262 4.22 1.06 6.63
CA GLY A 262 4.39 2.14 7.58
C GLY A 262 5.69 2.90 7.48
N PHE A 263 6.46 2.74 6.40
CA PHE A 263 7.73 3.42 6.25
C PHE A 263 7.60 4.85 5.78
N GLY A 264 6.38 5.36 5.61
CA GLY A 264 6.18 6.70 5.10
C GLY A 264 6.35 6.85 3.62
N VAL A 265 6.92 5.86 2.93
CA VAL A 265 7.05 5.94 1.48
C VAL A 265 5.72 5.67 0.80
N LEU A 266 4.92 4.75 1.35
CA LEU A 266 3.62 4.48 0.75
C LEU A 266 2.62 5.57 1.06
N LEU A 267 2.74 6.24 2.21
CA LEU A 267 1.99 7.47 2.40
C LEU A 267 2.30 8.46 1.29
N ALA A 268 3.58 8.67 1.01
CA ALA A 268 3.96 9.62 -0.03
C ALA A 268 3.37 9.24 -1.38
N TYR A 269 3.54 7.98 -1.78
CA TYR A 269 3.07 7.59 -3.10
C TYR A 269 1.55 7.58 -3.20
N ALA A 270 0.85 7.10 -2.16
CA ALA A 270 -0.59 7.06 -2.23
C ALA A 270 -1.20 8.45 -2.12
N SER A 271 -0.51 9.40 -1.50
CA SER A 271 -1.03 10.76 -1.39
C SER A 271 -1.39 11.35 -2.74
N TYR A 272 -0.69 10.95 -3.80
CA TYR A 272 -0.98 11.48 -5.13
C TYR A 272 -2.10 10.75 -5.86
N ASN A 273 -2.75 9.78 -5.23
CA ASN A 273 -3.88 9.11 -5.88
C ASN A 273 -5.12 9.99 -5.92
N LYS A 274 -5.95 9.77 -6.93
CA LYS A 274 -7.30 10.28 -6.91
C LYS A 274 -8.04 9.73 -5.70
N TYR A 275 -8.74 10.62 -5.00
CA TYR A 275 -9.25 10.28 -3.67
C TYR A 275 -10.13 9.04 -3.70
N HIS A 276 -10.88 8.83 -4.76
CA HIS A 276 -11.74 7.66 -4.90
C HIS A 276 -11.06 6.47 -5.56
N ASN A 277 -9.73 6.49 -5.69
CA ASN A 277 -9.01 5.34 -6.20
C ASN A 277 -9.16 4.13 -5.27
N ASN A 278 -9.35 2.96 -5.86
CA ASN A 278 -9.56 1.71 -5.11
C ASN A 278 -8.23 1.22 -4.53
N VAL A 279 -7.80 1.87 -3.44
CA VAL A 279 -6.52 1.56 -2.83
C VAL A 279 -6.44 0.14 -2.29
N TYR A 280 -7.57 -0.48 -1.96
CA TYR A 280 -7.56 -1.86 -1.48
C TYR A 280 -7.03 -2.82 -2.53
N LYS A 281 -7.55 -2.73 -3.76
CA LYS A 281 -7.09 -3.59 -4.83
C LYS A 281 -5.61 -3.39 -5.10
N ASP A 282 -5.14 -2.15 -4.98
CA ASP A 282 -3.72 -1.88 -5.21
C ASP A 282 -2.86 -2.46 -4.10
N ALA A 283 -3.30 -2.35 -2.86
CA ALA A 283 -2.52 -2.92 -1.76
C ALA A 283 -2.40 -4.43 -1.91
N LEU A 284 -3.49 -5.09 -2.31
CA LEU A 284 -3.41 -6.54 -2.47
C LEU A 284 -2.56 -6.93 -3.67
N LEU A 285 -2.72 -6.23 -4.80
CA LEU A 285 -1.94 -6.56 -5.98
C LEU A 285 -0.46 -6.37 -5.71
N THR A 286 -0.07 -5.25 -5.11
CA THR A 286 1.35 -4.96 -4.96
C THR A 286 2.00 -5.82 -3.87
N SER A 287 1.27 -6.21 -2.83
CA SER A 287 1.91 -7.12 -1.87
C SER A 287 2.01 -8.53 -2.43
N PHE A 288 1.02 -8.96 -3.21
CA PHE A 288 1.14 -10.26 -3.85
C PHE A 288 2.32 -10.29 -4.79
N ILE A 289 2.52 -9.29 -5.63
CA ILE A 289 3.69 -9.33 -6.49
C ILE A 289 4.96 -9.21 -5.62
N ASN A 290 4.86 -8.54 -4.47
CA ASN A 290 6.01 -8.37 -3.59
C ASN A 290 6.57 -9.71 -3.17
N SER A 291 5.69 -10.61 -2.76
CA SER A 291 6.10 -11.94 -2.28
C SER A 291 6.37 -12.83 -3.46
N ALA A 292 5.58 -12.67 -4.52
CA ALA A 292 5.78 -13.44 -5.75
C ALA A 292 7.21 -13.26 -6.27
N THR A 293 7.64 -12.02 -6.42
CA THR A 293 8.97 -11.68 -6.89
C THR A 293 10.03 -12.29 -6.00
N SER A 294 9.83 -12.25 -4.68
CA SER A 294 10.77 -12.91 -3.78
C SER A 294 10.88 -14.40 -4.10
N PHE A 295 9.75 -15.07 -4.28
CA PHE A 295 9.75 -16.51 -4.55
C PHE A 295 10.47 -16.84 -5.86
N ILE A 296 10.17 -16.08 -6.92
CA ILE A 296 10.82 -16.34 -8.20
C ILE A 296 12.31 -16.04 -8.12
N ALA A 297 12.69 -14.96 -7.43
CA ALA A 297 14.11 -14.68 -7.25
C ALA A 297 14.79 -15.78 -6.47
N GLY A 298 14.05 -16.48 -5.61
CA GLY A 298 14.61 -17.63 -4.95
C GLY A 298 14.91 -18.76 -5.91
N PHE A 299 14.06 -18.95 -6.92
CA PHE A 299 14.44 -19.93 -7.94
C PHE A 299 15.62 -19.45 -8.77
N VAL A 300 15.70 -18.16 -9.04
CA VAL A 300 16.84 -17.63 -9.80
C VAL A 300 18.14 -17.89 -9.05
N ILE A 301 18.19 -17.55 -7.77
CA ILE A 301 19.40 -17.76 -6.97
C ILE A 301 19.72 -19.25 -6.88
N PHE A 302 18.77 -20.05 -6.40
CA PHE A 302 19.12 -21.42 -6.07
C PHE A 302 19.31 -22.32 -7.27
N SER A 303 18.79 -22.00 -8.45
CA SER A 303 19.17 -22.82 -9.59
C SER A 303 20.67 -22.71 -9.85
N VAL A 304 21.23 -21.51 -9.71
CA VAL A 304 22.66 -21.32 -9.88
C VAL A 304 23.44 -21.93 -8.72
N LEU A 305 22.93 -21.79 -7.49
CA LEU A 305 23.63 -22.44 -6.39
C LEU A 305 23.62 -23.96 -6.50
N GLY A 306 22.57 -24.52 -7.11
CA GLY A 306 22.60 -25.93 -7.45
C GLY A 306 23.63 -26.26 -8.50
N TYR A 307 23.67 -25.45 -9.57
CA TYR A 307 24.69 -25.66 -10.58
C TYR A 307 26.09 -25.63 -9.99
N MET A 308 26.36 -24.69 -9.08
CA MET A 308 27.65 -24.66 -8.41
C MET A 308 27.87 -25.92 -7.58
N ALA A 309 26.93 -26.24 -6.69
CA ALA A 309 27.14 -27.37 -5.79
C ALA A 309 27.31 -28.68 -6.54
N HIS A 310 26.70 -28.81 -7.72
CA HIS A 310 26.85 -30.03 -8.51
C HIS A 310 28.13 -30.02 -9.34
N THR A 311 28.37 -28.94 -10.10
CA THR A 311 29.39 -28.96 -11.13
C THR A 311 30.76 -28.53 -10.63
N LEU A 312 30.81 -27.54 -9.74
CA LEU A 312 32.08 -26.98 -9.28
C LEU A 312 32.57 -27.63 -8.00
N GLY A 313 31.80 -28.53 -7.41
CA GLY A 313 32.21 -29.21 -6.20
C GLY A 313 32.15 -28.36 -4.95
N VAL A 314 31.72 -27.10 -5.04
CA VAL A 314 31.67 -26.26 -3.86
C VAL A 314 30.58 -26.77 -2.92
N ARG A 315 30.89 -26.82 -1.63
CA ARG A 315 29.93 -27.30 -0.65
C ARG A 315 28.76 -26.33 -0.55
N ILE A 316 27.54 -26.86 -0.59
CA ILE A 316 26.35 -26.01 -0.61
C ILE A 316 26.32 -25.09 0.60
N GLU A 317 26.74 -25.59 1.77
CA GLU A 317 26.78 -24.73 2.95
C GLU A 317 27.69 -23.53 2.77
N ASP A 318 28.63 -23.59 1.83
CA ASP A 318 29.56 -22.47 1.63
C ASP A 318 28.96 -21.37 0.79
N VAL A 319 28.19 -21.72 -0.24
CA VAL A 319 27.67 -20.72 -1.17
C VAL A 319 26.34 -20.15 -0.70
N ALA A 320 25.46 -20.97 -0.13
CA ALA A 320 24.16 -20.49 0.31
C ALA A 320 24.30 -19.46 1.43
N THR A 321 24.15 -18.19 1.09
CA THR A 321 24.46 -17.09 1.99
C THR A 321 23.57 -15.92 1.63
N GLU A 322 23.54 -14.92 2.50
CA GLU A 322 22.67 -13.76 2.33
C GLU A 322 23.50 -12.49 2.23
N GLY A 323 22.85 -11.46 1.70
CA GLY A 323 23.42 -10.14 1.65
C GLY A 323 24.49 -10.01 0.59
N PRO A 324 25.27 -8.93 0.66
CA PRO A 324 26.29 -8.70 -0.37
C PRO A 324 27.15 -9.91 -0.69
N GLY A 325 27.42 -10.76 0.29
CA GLY A 325 28.21 -11.94 0.00
C GLY A 325 27.58 -12.85 -1.03
N LEU A 326 26.26 -12.89 -1.11
CA LEU A 326 25.61 -13.67 -2.15
C LEU A 326 25.81 -13.05 -3.53
N VAL A 327 25.48 -11.78 -3.69
CA VAL A 327 25.33 -11.19 -5.01
C VAL A 327 26.63 -10.62 -5.58
N PHE A 328 27.60 -10.29 -4.73
CA PHE A 328 28.87 -9.78 -5.21
C PHE A 328 30.01 -10.79 -5.13
N VAL A 329 29.80 -11.94 -4.49
CA VAL A 329 30.84 -12.96 -4.40
C VAL A 329 30.36 -14.26 -5.04
N VAL A 330 29.34 -14.87 -4.44
CA VAL A 330 28.94 -16.22 -4.84
C VAL A 330 28.35 -16.23 -6.25
N TYR A 331 27.36 -15.37 -6.49
CA TYR A 331 26.63 -15.44 -7.75
C TYR A 331 27.47 -14.98 -8.94
N PRO A 332 28.22 -13.87 -8.83
CA PRO A 332 29.13 -13.55 -9.94
C PRO A 332 30.25 -14.56 -10.10
N ALA A 333 30.68 -15.21 -9.01
CA ALA A 333 31.62 -16.31 -9.14
C ALA A 333 31.03 -17.44 -9.96
N ALA A 334 29.72 -17.65 -9.87
CA ALA A 334 29.08 -18.62 -10.74
C ALA A 334 29.01 -18.11 -12.18
N ILE A 335 28.55 -16.88 -12.36
CA ILE A 335 28.43 -16.31 -13.69
C ILE A 335 29.74 -16.40 -14.45
N ALA A 336 30.86 -16.22 -13.76
CA ALA A 336 32.17 -16.27 -14.42
C ALA A 336 32.40 -17.58 -15.18
N THR A 337 31.69 -18.65 -14.84
CA THR A 337 31.97 -19.95 -15.43
C THR A 337 31.05 -20.32 -16.59
N MET A 338 29.88 -19.70 -16.70
CA MET A 338 28.91 -20.16 -17.69
C MET A 338 29.09 -19.43 -19.01
N PRO A 339 28.67 -20.04 -20.12
CA PRO A 339 28.80 -19.40 -21.43
C PRO A 339 28.20 -18.00 -21.46
N ALA A 340 28.85 -17.11 -22.22
CA ALA A 340 28.44 -15.71 -22.30
C ALA A 340 28.48 -15.04 -20.93
N SER A 341 29.50 -15.38 -20.14
CA SER A 341 29.62 -14.83 -18.80
C SER A 341 29.48 -13.31 -18.80
N THR A 342 30.04 -12.63 -19.79
CA THR A 342 29.93 -11.17 -19.84
C THR A 342 28.48 -10.72 -19.91
N PHE A 343 27.67 -11.37 -20.74
CA PHE A 343 26.28 -10.96 -20.88
C PHE A 343 25.51 -11.14 -19.58
N TRP A 344 25.67 -12.30 -18.94
CA TRP A 344 24.97 -12.53 -17.68
C TRP A 344 25.45 -11.59 -16.60
N ALA A 345 26.75 -11.27 -16.57
CA ALA A 345 27.23 -10.29 -15.61
C ALA A 345 26.57 -8.94 -15.84
N LEU A 346 26.51 -8.50 -17.10
CA LEU A 346 25.92 -7.20 -17.40
C LEU A 346 24.47 -7.15 -16.95
N ILE A 347 23.66 -8.14 -17.35
CA ILE A 347 22.25 -8.06 -17.01
C ILE A 347 22.01 -8.31 -15.52
N PHE A 348 22.86 -9.12 -14.87
CA PHE A 348 22.70 -9.34 -13.44
C PHE A 348 22.97 -8.07 -12.65
N PHE A 349 24.08 -7.41 -12.94
CA PHE A 349 24.39 -6.20 -12.18
C PHE A 349 23.47 -5.04 -12.56
N MET A 350 22.96 -5.01 -13.79
CA MET A 350 21.92 -4.03 -14.09
C MET A 350 20.62 -4.35 -13.35
N MET A 351 20.32 -5.64 -13.15
CA MET A 351 19.18 -6.01 -12.32
C MET A 351 19.34 -5.51 -10.90
N LEU A 352 20.52 -5.76 -10.30
CA LEU A 352 20.74 -5.26 -8.94
C LEU A 352 20.66 -3.75 -8.88
N ALA A 353 21.20 -3.06 -9.88
CA ALA A 353 21.12 -1.61 -9.90
C ALA A 353 19.68 -1.15 -9.93
N THR A 354 18.87 -1.72 -10.82
CA THR A 354 17.47 -1.28 -10.92
C THR A 354 16.63 -1.72 -9.74
N LEU A 355 16.94 -2.86 -9.12
CA LEU A 355 16.29 -3.22 -7.86
C LEU A 355 16.61 -2.22 -6.75
N GLY A 356 17.79 -1.63 -6.78
CA GLY A 356 18.13 -0.64 -5.77
C GLY A 356 17.60 0.74 -6.06
N LEU A 357 17.61 1.12 -7.34
CA LEU A 357 17.33 2.51 -7.70
C LEU A 357 15.97 2.95 -7.23
N ASP A 358 14.91 2.24 -7.62
CA ASP A 358 13.58 2.74 -7.25
C ASP A 358 13.22 2.47 -5.79
N SER A 359 13.84 1.49 -5.16
CA SER A 359 13.76 1.41 -3.69
C SER A 359 14.41 2.61 -3.03
N SER A 360 15.38 3.24 -3.70
CA SER A 360 15.95 4.48 -3.16
C SER A 360 15.11 5.70 -3.51
N PHE A 361 14.51 5.70 -4.71
CA PHE A 361 13.53 6.73 -5.05
C PHE A 361 12.44 6.75 -4.00
N GLY A 362 12.05 5.59 -3.50
CA GLY A 362 11.03 5.56 -2.48
C GLY A 362 11.34 6.39 -1.25
N GLY A 363 12.47 6.12 -0.59
CA GLY A 363 12.86 6.93 0.55
C GLY A 363 13.09 8.39 0.22
N SER A 364 13.63 8.67 -0.95
CA SER A 364 13.88 10.07 -1.31
C SER A 364 12.57 10.81 -1.54
N GLU A 365 11.61 10.19 -2.21
CA GLU A 365 10.30 10.82 -2.37
C GLU A 365 9.52 10.89 -1.07
N ALA A 366 9.73 9.95 -0.15
CA ALA A 366 9.14 10.12 1.17
C ALA A 366 9.64 11.39 1.83
N ILE A 367 10.95 11.62 1.76
CA ILE A 367 11.51 12.82 2.36
C ILE A 367 10.99 14.07 1.66
N ILE A 368 11.05 14.07 0.33
CA ILE A 368 10.74 15.29 -0.40
C ILE A 368 9.26 15.62 -0.34
N THR A 369 8.37 14.61 -0.34
CA THR A 369 6.96 14.89 -0.13
C THR A 369 6.71 15.40 1.28
N ALA A 370 7.26 14.74 2.29
CA ALA A 370 6.96 15.17 3.66
C ALA A 370 7.40 16.61 3.86
N LEU A 371 8.60 16.95 3.41
CA LEU A 371 9.11 18.30 3.61
C LEU A 371 8.44 19.32 2.70
N SER A 372 8.04 18.92 1.49
CA SER A 372 7.27 19.82 0.66
C SER A 372 5.96 20.19 1.34
N ASP A 373 5.21 19.19 1.78
CA ASP A 373 3.90 19.45 2.35
C ASP A 373 4.00 20.21 3.66
N GLU A 374 5.03 19.93 4.47
CA GLU A 374 5.16 20.63 5.74
C GLU A 374 5.76 22.03 5.59
N PHE A 375 6.66 22.23 4.63
CA PHE A 375 7.37 23.50 4.46
C PHE A 375 7.23 23.98 3.02
N PRO A 376 6.26 24.85 2.73
CA PRO A 376 6.04 25.25 1.33
C PRO A 376 7.21 26.01 0.74
N LYS A 377 8.02 26.67 1.57
CA LYS A 377 9.24 27.30 1.10
C LYS A 377 10.08 26.35 0.25
N ILE A 378 10.00 25.04 0.51
CA ILE A 378 10.72 24.05 -0.25
C ILE A 378 9.79 23.12 -1.02
N LYS A 379 8.49 23.42 -1.02
CA LYS A 379 7.61 22.86 -2.04
C LYS A 379 7.75 23.63 -3.33
N ARG A 380 7.84 24.97 -3.23
CA ARG A 380 8.00 25.82 -4.39
C ARG A 380 9.39 25.69 -5.03
N ASN A 381 10.40 25.29 -4.27
CA ASN A 381 11.77 25.17 -4.77
C ASN A 381 12.25 23.73 -4.77
N ARG A 382 11.42 22.79 -5.25
CA ARG A 382 11.77 21.38 -5.13
C ARG A 382 13.10 21.06 -5.78
N GLU A 383 13.37 21.62 -6.96
CA GLU A 383 14.61 21.27 -7.66
C GLU A 383 15.84 21.62 -6.84
N LEU A 384 15.90 22.86 -6.34
CA LEU A 384 17.08 23.29 -5.58
C LEU A 384 17.21 22.48 -4.29
N PHE A 385 16.08 22.19 -3.63
CA PHE A 385 16.14 21.39 -2.42
C PHE A 385 16.68 20.00 -2.70
N VAL A 386 16.21 19.36 -3.77
CA VAL A 386 16.66 18.00 -4.04
C VAL A 386 18.12 17.99 -4.48
N ALA A 387 18.58 19.06 -5.14
CA ALA A 387 20.01 19.17 -5.42
C ALA A 387 20.83 19.30 -4.15
N GLY A 388 20.34 20.09 -3.18
CA GLY A 388 21.06 20.19 -1.92
C GLY A 388 21.01 18.90 -1.12
N LEU A 389 19.92 18.15 -1.24
CA LEU A 389 19.81 16.88 -0.53
C LEU A 389 20.77 15.87 -1.09
N PHE A 390 20.76 15.67 -2.41
CA PHE A 390 21.65 14.67 -2.97
C PHE A 390 23.11 15.11 -2.90
N SER A 391 23.40 16.42 -2.92
CA SER A 391 24.78 16.82 -2.68
C SER A 391 25.20 16.48 -1.26
N LEU A 392 24.30 16.60 -0.30
CA LEU A 392 24.62 16.15 1.06
C LEU A 392 24.86 14.65 1.09
N TYR A 393 23.98 13.88 0.45
CA TYR A 393 24.17 12.44 0.46
C TYR A 393 25.47 12.03 -0.20
N PHE A 394 25.89 12.74 -1.25
CA PHE A 394 27.16 12.41 -1.90
C PHE A 394 28.34 12.76 -1.00
N VAL A 395 28.36 13.98 -0.47
CA VAL A 395 29.49 14.39 0.36
C VAL A 395 29.64 13.48 1.56
N VAL A 396 28.53 13.00 2.13
CA VAL A 396 28.63 12.03 3.21
C VAL A 396 29.03 10.65 2.69
N GLY A 397 28.43 10.23 1.58
CA GLY A 397 28.73 8.92 1.03
C GLY A 397 30.16 8.76 0.58
N LEU A 398 30.90 9.85 0.42
CA LEU A 398 32.33 9.70 0.19
C LEU A 398 32.98 8.90 1.31
N ALA A 399 32.50 9.02 2.53
CA ALA A 399 33.00 8.19 3.61
C ALA A 399 32.79 6.72 3.32
N SER A 400 31.64 6.36 2.76
CA SER A 400 31.36 4.97 2.40
C SER A 400 32.06 4.53 1.13
N CYS A 401 32.73 5.43 0.41
CA CYS A 401 33.57 5.07 -0.72
C CYS A 401 35.05 5.01 -0.36
N THR A 402 35.40 5.17 0.92
CA THR A 402 36.77 4.99 1.35
C THR A 402 37.12 3.51 1.40
N GLN A 403 38.41 3.22 1.58
CA GLN A 403 38.85 1.84 1.63
C GLN A 403 38.18 1.09 2.78
N GLY A 404 38.08 1.71 3.94
CA GLY A 404 37.32 1.16 5.04
C GLY A 404 35.83 1.33 4.91
N GLY A 405 35.35 1.76 3.74
CA GLY A 405 33.98 2.19 3.63
C GLY A 405 32.96 1.12 3.95
N PHE A 406 33.27 -0.15 3.69
CA PHE A 406 32.32 -1.20 4.02
C PHE A 406 32.01 -1.27 5.50
N TYR A 407 32.96 -0.92 6.37
CA TYR A 407 32.65 -0.94 7.80
C TYR A 407 31.60 0.11 8.14
N PHE A 408 31.69 1.28 7.52
CA PHE A 408 30.69 2.32 7.74
C PHE A 408 29.35 1.92 7.15
N PHE A 409 29.37 1.38 5.93
CA PHE A 409 28.15 0.84 5.33
C PHE A 409 27.49 -0.15 6.27
N HIS A 410 28.26 -1.11 6.79
CA HIS A 410 27.67 -2.17 7.61
C HIS A 410 27.19 -1.64 8.95
N LEU A 411 27.86 -0.64 9.50
CA LEU A 411 27.37 -0.02 10.73
C LEU A 411 26.01 0.59 10.50
N LEU A 412 25.87 1.43 9.47
CA LEU A 412 24.56 2.01 9.20
C LEU A 412 23.55 0.93 8.85
N ASP A 413 23.96 -0.05 8.05
CA ASP A 413 23.05 -1.10 7.62
C ASP A 413 22.42 -1.83 8.79
N ARG A 414 23.15 -1.97 9.89
CA ARG A 414 22.53 -2.59 11.05
C ARG A 414 21.75 -1.57 11.89
N TYR A 415 22.37 -0.45 12.23
CA TYR A 415 21.78 0.44 13.22
C TYR A 415 20.87 1.52 12.66
N ALA A 416 21.06 1.92 11.40
CA ALA A 416 20.43 3.14 10.92
C ALA A 416 18.91 3.06 10.89
N ALA A 417 18.34 1.88 10.67
CA ALA A 417 16.90 1.78 10.47
C ALA A 417 16.25 0.58 11.12
N GLY A 418 16.93 -0.54 11.29
CA GLY A 418 16.29 -1.76 11.74
C GLY A 418 15.38 -1.61 12.94
N TYR A 419 15.95 -1.22 14.10
CA TYR A 419 15.15 -1.14 15.31
C TYR A 419 14.21 0.07 15.31
N SER A 420 14.65 1.21 14.78
CA SER A 420 13.86 2.43 14.93
C SER A 420 12.56 2.36 14.14
N ILE A 421 12.59 1.76 12.95
CA ILE A 421 11.37 1.75 12.14
C ILE A 421 10.35 0.81 12.74
N LEU A 422 10.76 -0.23 13.45
CA LEU A 422 9.79 -1.09 14.10
C LEU A 422 9.00 -0.34 15.16
N VAL A 423 9.66 0.46 15.99
CA VAL A 423 8.92 1.19 17.01
C VAL A 423 8.11 2.32 16.40
N ALA A 424 8.62 2.92 15.31
CA ALA A 424 7.83 3.93 14.62
C ALA A 424 6.53 3.33 14.08
N VAL A 425 6.63 2.18 13.41
CA VAL A 425 5.42 1.57 12.84
C VAL A 425 4.53 0.98 13.93
N PHE A 426 5.09 0.55 15.06
CA PHE A 426 4.24 0.17 16.18
C PHE A 426 3.39 1.34 16.65
N PHE A 427 4.01 2.52 16.82
CA PHE A 427 3.21 3.68 17.18
C PHE A 427 2.30 4.15 16.06
N GLU A 428 2.62 3.83 14.81
CA GLU A 428 1.66 4.09 13.74
C GLU A 428 0.41 3.25 13.91
N ALA A 429 0.59 1.95 14.10
CA ALA A 429 -0.57 1.06 14.25
C ALA A 429 -1.38 1.41 15.49
N ILE A 430 -0.70 1.78 16.57
CA ILE A 430 -1.42 2.19 17.78
C ILE A 430 -2.19 3.48 17.54
N ALA A 431 -1.55 4.50 16.97
CA ALA A 431 -2.23 5.77 16.76
C ALA A 431 -3.43 5.61 15.84
N VAL A 432 -3.29 4.86 14.76
CA VAL A 432 -4.41 4.65 13.85
C VAL A 432 -5.52 3.87 14.53
N SER A 433 -5.21 2.71 15.10
CA SER A 433 -6.25 1.76 15.45
C SER A 433 -6.86 2.01 16.82
N TRP A 434 -6.16 2.66 17.74
CA TRP A 434 -6.64 2.87 19.09
C TRP A 434 -6.90 4.33 19.43
N ILE A 435 -6.04 5.25 18.99
CA ILE A 435 -6.22 6.66 19.32
C ILE A 435 -7.13 7.34 18.30
N TYR A 436 -6.87 7.12 17.02
CA TYR A 436 -7.76 7.63 15.98
C TYR A 436 -9.05 6.81 15.92
N GLY A 437 -8.92 5.48 15.84
CA GLY A 437 -10.04 4.59 15.92
C GLY A 437 -10.30 3.88 14.62
N THR A 438 -10.38 2.54 14.69
CA THR A 438 -10.65 1.79 13.47
C THR A 438 -12.08 2.01 12.97
N ASN A 439 -12.97 2.55 13.80
CA ASN A 439 -14.28 2.97 13.33
C ASN A 439 -14.15 4.15 12.37
N ARG A 440 -13.51 5.22 12.82
CA ARG A 440 -13.27 6.37 11.94
C ARG A 440 -12.47 5.96 10.71
N PHE A 441 -11.43 5.15 10.89
CA PHE A 441 -10.62 4.73 9.75
C PHE A 441 -11.43 3.88 8.78
N SER A 442 -12.43 3.13 9.27
CA SER A 442 -13.29 2.39 8.37
C SER A 442 -14.27 3.30 7.65
N GLU A 443 -14.76 4.36 8.30
CA GLU A 443 -15.54 5.35 7.56
C GLU A 443 -14.71 5.99 6.47
N ASP A 444 -13.45 6.35 6.79
CA ASP A 444 -12.60 6.99 5.79
C ASP A 444 -12.39 6.08 4.59
N ILE A 445 -12.08 4.81 4.84
CA ILE A 445 -11.90 3.88 3.74
C ILE A 445 -13.18 3.72 2.94
N ARG A 446 -14.32 3.60 3.63
CA ARG A 446 -15.59 3.48 2.92
C ARG A 446 -15.81 4.69 2.01
N ASP A 447 -15.57 5.89 2.53
CA ASP A 447 -15.79 7.09 1.73
C ASP A 447 -14.85 7.14 0.53
N MET A 448 -13.61 6.69 0.68
CA MET A 448 -12.72 6.60 -0.47
C MET A 448 -13.22 5.59 -1.49
N ILE A 449 -13.26 4.31 -1.10
CA ILE A 449 -13.36 3.22 -2.06
C ILE A 449 -14.77 2.65 -2.16
N GLY A 450 -15.69 3.05 -1.29
CA GLY A 450 -17.09 2.68 -1.39
C GLY A 450 -17.54 1.49 -0.55
N PHE A 451 -16.62 0.73 0.03
CA PHE A 451 -17.02 -0.32 0.97
C PHE A 451 -16.13 -0.28 2.20
N PRO A 452 -16.69 -0.57 3.38
CA PRO A 452 -15.84 -0.61 4.58
C PRO A 452 -14.94 -1.82 4.55
N PRO A 453 -13.76 -1.72 5.17
CA PRO A 453 -12.89 -2.90 5.29
C PRO A 453 -13.51 -3.95 6.19
N GLY A 454 -13.67 -5.17 5.67
CA GLY A 454 -14.36 -6.20 6.41
C GLY A 454 -13.69 -6.49 7.74
N ARG A 455 -14.45 -7.16 8.61
CA ARG A 455 -14.04 -7.29 10.00
C ARG A 455 -12.65 -7.90 10.13
N TYR A 456 -12.22 -8.71 9.17
CA TYR A 456 -10.86 -9.25 9.22
C TYR A 456 -9.82 -8.15 9.32
N TRP A 457 -9.91 -7.14 8.45
CA TRP A 457 -8.92 -6.08 8.47
C TRP A 457 -8.98 -5.28 9.76
N GLN A 458 -10.18 -5.05 10.28
CA GLN A 458 -10.28 -4.31 11.53
C GLN A 458 -9.66 -5.07 12.69
N VAL A 459 -9.86 -6.39 12.74
CA VAL A 459 -9.21 -7.19 13.77
C VAL A 459 -7.70 -7.20 13.60
N CYS A 460 -7.21 -7.31 12.36
CA CYS A 460 -5.77 -7.26 12.13
C CYS A 460 -5.18 -5.94 12.59
N TRP A 461 -5.72 -4.82 12.09
CA TRP A 461 -5.16 -3.52 12.44
C TRP A 461 -5.25 -3.24 13.92
N ARG A 462 -6.35 -3.66 14.56
CA ARG A 462 -6.53 -3.29 15.96
C ARG A 462 -5.66 -4.14 16.89
N PHE A 463 -5.76 -5.46 16.81
CA PHE A 463 -5.11 -6.34 17.76
C PHE A 463 -3.84 -6.98 17.22
N VAL A 464 -3.91 -7.58 16.04
CA VAL A 464 -2.83 -8.45 15.61
C VAL A 464 -1.64 -7.69 15.06
N ALA A 465 -1.84 -6.53 14.43
CA ALA A 465 -0.71 -5.78 13.91
C ALA A 465 0.25 -5.31 15.00
N PRO A 466 -0.21 -4.74 16.12
CA PRO A 466 0.74 -4.40 17.19
C PRO A 466 1.40 -5.60 17.84
N ILE A 467 0.71 -6.73 17.98
CA ILE A 467 1.36 -7.93 18.50
C ILE A 467 2.41 -8.43 17.52
N PHE A 468 2.10 -8.42 16.24
CA PHE A 468 3.06 -8.80 15.21
C PHE A 468 4.32 -7.94 15.27
N LEU A 469 4.16 -6.63 15.33
CA LEU A 469 5.33 -5.75 15.38
C LEU A 469 6.09 -5.92 16.70
N LEU A 470 5.38 -6.16 17.80
CA LEU A 470 6.05 -6.37 19.07
C LEU A 470 6.84 -7.67 19.05
N PHE A 471 6.30 -8.71 18.45
CA PHE A 471 7.02 -9.97 18.30
C PHE A 471 8.27 -9.80 17.45
N ILE A 472 8.17 -9.01 16.38
CA ILE A 472 9.35 -8.75 15.56
C ILE A 472 10.42 -8.04 16.37
N THR A 473 10.05 -6.94 17.03
CA THR A 473 11.08 -6.16 17.71
C THR A 473 11.66 -6.90 18.90
N VAL A 474 10.84 -7.68 19.62
CA VAL A 474 11.39 -8.46 20.73
C VAL A 474 12.37 -9.51 20.23
N TYR A 475 12.07 -10.16 19.11
CA TYR A 475 13.05 -11.13 18.60
C TYR A 475 14.28 -10.46 18.02
N LEU A 476 14.16 -9.25 17.48
CA LEU A 476 15.39 -8.54 17.08
C LEU A 476 16.22 -8.15 18.29
N LEU A 477 15.60 -7.87 19.44
CA LEU A 477 16.39 -7.55 20.62
C LEU A 477 16.91 -8.79 21.33
N ILE A 478 16.13 -9.87 21.35
CA ILE A 478 16.65 -11.14 21.87
C ILE A 478 17.86 -11.59 21.05
N GLY A 479 17.82 -11.40 19.74
CA GLY A 479 18.88 -11.76 18.84
C GLY A 479 20.04 -10.80 18.75
N TYR A 480 20.09 -9.78 19.60
CA TYR A 480 21.15 -8.79 19.49
C TYR A 480 22.48 -9.38 19.96
N GLU A 481 23.54 -9.06 19.22
CA GLU A 481 24.90 -9.30 19.66
C GLU A 481 25.77 -8.20 19.06
N PRO A 482 26.79 -7.73 19.77
CA PRO A 482 27.56 -6.57 19.30
C PRO A 482 28.05 -6.77 17.87
N LEU A 483 28.13 -5.65 17.15
CA LEU A 483 28.38 -5.71 15.71
C LEU A 483 29.77 -6.29 15.44
N THR A 484 29.83 -7.20 14.48
CA THR A 484 31.07 -7.86 14.10
C THR A 484 30.99 -8.23 12.63
N TYR A 485 32.15 -8.30 11.98
CA TYR A 485 32.18 -8.65 10.56
C TYR A 485 33.51 -9.32 10.23
N ALA A 486 33.44 -10.60 9.86
CA ALA A 486 34.58 -11.35 9.33
C ALA A 486 35.82 -11.21 10.22
N ASP A 487 35.64 -11.46 11.51
CA ASP A 487 36.70 -11.37 12.51
C ASP A 487 37.22 -9.97 12.72
N TYR A 488 36.52 -8.95 12.25
CA TYR A 488 36.66 -7.60 12.77
C TYR A 488 35.51 -7.34 13.72
N VAL A 489 35.84 -7.05 14.97
CA VAL A 489 34.84 -6.77 16.00
C VAL A 489 34.88 -5.28 16.30
N TYR A 490 33.74 -4.62 16.18
CA TYR A 490 33.71 -3.18 16.22
C TYR A 490 34.01 -2.67 17.64
N PRO A 491 34.64 -1.52 17.76
CA PRO A 491 34.89 -0.97 19.09
C PRO A 491 33.57 -0.52 19.73
N SER A 492 33.54 -0.55 21.06
CA SER A 492 32.32 -0.23 21.77
C SER A 492 31.81 1.18 21.44
N TRP A 493 32.71 2.10 21.12
CA TRP A 493 32.25 3.43 20.72
C TRP A 493 31.46 3.38 19.41
N ALA A 494 31.77 2.42 18.53
CA ALA A 494 31.03 2.33 17.28
C ALA A 494 29.64 1.76 17.51
N ASN A 495 29.51 0.76 18.38
CA ASN A 495 28.18 0.29 18.75
C ASN A 495 27.38 1.39 19.46
N ALA A 496 28.06 2.21 20.27
CA ALA A 496 27.36 3.32 20.91
C ALA A 496 26.87 4.33 19.88
N LEU A 497 27.72 4.67 18.91
CA LEU A 497 27.27 5.53 17.81
C LEU A 497 26.11 4.90 17.06
N GLY A 498 26.15 3.58 16.86
CA GLY A 498 25.03 2.91 16.24
C GLY A 498 23.73 3.09 17.00
N TRP A 499 23.75 2.81 18.29
CA TRP A 499 22.54 2.99 19.09
C TRP A 499 22.13 4.45 19.17
N CYS A 500 23.07 5.38 19.10
CA CYS A 500 22.70 6.79 19.04
C CYS A 500 21.97 7.11 17.75
N ILE A 501 22.45 6.57 16.62
CA ILE A 501 21.76 6.77 15.35
C ILE A 501 20.38 6.14 15.36
N ALA A 502 20.26 4.97 15.97
CA ALA A 502 18.95 4.32 16.08
C ALA A 502 18.00 5.16 16.94
N GLY A 503 18.49 5.63 18.09
CA GLY A 503 17.66 6.42 18.98
C GLY A 503 17.28 7.78 18.41
N SER A 504 18.14 8.36 17.57
CA SER A 504 17.92 9.72 17.11
C SER A 504 16.56 9.89 16.42
N SER A 505 16.04 8.85 15.79
CA SER A 505 14.73 8.92 15.17
C SER A 505 13.59 8.61 16.14
N VAL A 506 13.69 7.52 16.89
CA VAL A 506 12.60 7.15 17.80
C VAL A 506 12.40 8.18 18.89
N VAL A 507 13.47 8.87 19.31
CA VAL A 507 13.31 9.90 20.34
C VAL A 507 12.44 11.05 19.86
N MET A 508 12.26 11.22 18.55
CA MET A 508 11.35 12.24 18.07
C MET A 508 9.91 12.00 18.51
N ILE A 509 9.50 10.73 18.63
CA ILE A 509 8.12 10.42 18.96
C ILE A 509 7.74 10.97 20.33
N PRO A 510 8.46 10.61 21.40
CA PRO A 510 8.12 11.19 22.71
C PRO A 510 8.55 12.64 22.84
N ALA A 511 9.65 13.05 22.21
CA ALA A 511 10.06 14.45 22.31
C ALA A 511 9.03 15.37 21.69
N VAL A 512 8.54 15.01 20.51
CA VAL A 512 7.51 15.84 19.87
C VAL A 512 6.19 15.71 20.61
N ALA A 513 5.87 14.53 21.13
CA ALA A 513 4.65 14.39 21.90
C ALA A 513 4.67 15.30 23.12
N ILE A 514 5.78 15.33 23.86
CA ILE A 514 5.90 16.20 25.02
C ILE A 514 5.85 17.66 24.62
N PHE A 515 6.58 18.04 23.57
CA PHE A 515 6.55 19.45 23.15
C PHE A 515 5.14 19.88 22.79
N LYS A 516 4.41 19.04 22.04
CA LYS A 516 3.02 19.33 21.76
C LYS A 516 2.20 19.46 23.04
N LEU A 517 2.43 18.55 23.99
CA LEU A 517 1.66 18.53 25.23
C LEU A 517 1.99 19.69 26.16
N LEU A 518 3.12 20.37 25.95
CA LEU A 518 3.41 21.58 26.72
C LEU A 518 2.84 22.82 26.06
N SER A 519 2.73 22.85 24.74
CA SER A 519 2.29 24.06 24.07
C SER A 519 0.77 24.21 24.08
N THR A 520 0.02 23.11 24.09
CA THR A 520 -1.43 23.24 24.09
C THR A 520 -1.94 23.68 25.46
N PRO A 521 -2.93 24.57 25.50
CA PRO A 521 -3.37 25.14 26.77
C PRO A 521 -4.33 24.21 27.51
N GLY A 522 -4.59 24.56 28.77
CA GLY A 522 -5.59 23.88 29.58
C GLY A 522 -5.00 22.82 30.47
N SER A 523 -5.92 22.14 31.16
CA SER A 523 -5.55 21.04 32.05
C SER A 523 -5.14 19.81 31.24
N LEU A 524 -4.45 18.89 31.92
CA LEU A 524 -3.81 17.78 31.22
C LEU A 524 -4.81 17.00 30.37
N ARG A 525 -6.00 16.72 30.90
CA ARG A 525 -6.97 15.97 30.13
C ARG A 525 -7.49 16.78 28.95
N GLN A 526 -7.64 18.09 29.12
CA GLN A 526 -8.04 18.93 28.00
C GLN A 526 -6.94 18.98 26.94
N ARG A 527 -5.68 18.99 27.36
CA ARG A 527 -4.59 18.91 26.38
C ARG A 527 -4.61 17.59 25.63
N PHE A 528 -4.83 16.49 26.35
CA PHE A 528 -4.92 15.19 25.68
C PHE A 528 -6.06 15.16 24.67
N THR A 529 -7.21 15.70 25.03
CA THR A 529 -8.33 15.70 24.09
C THR A 529 -8.04 16.60 22.89
N ILE A 530 -7.56 17.82 23.13
CA ILE A 530 -7.23 18.72 22.03
C ILE A 530 -6.18 18.10 21.11
N LEU A 531 -5.27 17.31 21.66
CA LEU A 531 -4.22 16.68 20.86
C LEU A 531 -4.66 15.35 20.24
N THR A 532 -5.80 14.81 20.62
CA THR A 532 -6.32 13.59 20.02
C THR A 532 -7.34 13.84 18.93
N THR A 533 -8.06 14.95 18.98
CA THR A 533 -9.03 15.28 17.94
C THR A 533 -8.32 15.43 16.60
N PRO A 534 -8.66 14.63 15.59
CA PRO A 534 -8.03 14.80 14.28
C PRO A 534 -8.25 16.19 13.73
N TRP A 535 -7.37 16.57 12.81
CA TRP A 535 -7.43 17.91 12.21
C TRP A 535 -8.73 18.15 11.47
N ARG A 536 -9.32 17.12 10.87
CA ARG A 536 -10.54 17.32 10.09
C ARG A 536 -11.80 17.34 10.94
N ASP A 537 -11.72 16.94 12.20
CA ASP A 537 -12.88 16.99 13.07
C ASP A 537 -12.97 18.36 13.71
N GLU B 23 -24.23 16.01 -11.95
CA GLU B 23 -25.61 15.48 -12.03
C GLU B 23 -25.61 14.01 -12.44
N ASN B 24 -25.12 13.74 -13.65
CA ASN B 24 -25.12 12.38 -14.20
C ASN B 24 -26.54 11.80 -14.21
N VAL B 25 -27.42 12.49 -14.93
CA VAL B 25 -28.79 12.00 -15.08
C VAL B 25 -28.78 10.68 -15.83
N LEU B 26 -29.63 9.76 -15.39
CA LEU B 26 -29.89 8.51 -16.09
C LEU B 26 -31.30 8.54 -16.66
N THR B 27 -31.42 8.22 -17.94
CA THR B 27 -32.73 8.13 -18.59
C THR B 27 -32.99 6.68 -18.99
N GLN B 28 -34.11 6.15 -18.50
CA GLN B 28 -34.51 4.79 -18.84
C GLN B 28 -35.44 4.79 -20.05
N SER B 29 -35.35 3.72 -20.83
CA SER B 29 -36.19 3.53 -21.99
C SER B 29 -36.60 2.07 -22.05
N PRO B 30 -37.87 1.78 -22.35
CA PRO B 30 -38.99 2.70 -22.59
C PRO B 30 -39.52 3.32 -21.31
N ALA B 31 -40.30 4.39 -21.40
CA ALA B 31 -40.91 4.97 -20.21
C ALA B 31 -42.06 4.10 -19.71
N ILE B 32 -42.66 3.29 -20.59
CA ILE B 32 -43.75 2.41 -20.23
C ILE B 32 -43.65 1.18 -21.12
N MET B 33 -44.05 0.02 -20.58
CA MET B 33 -43.96 -1.21 -21.32
C MET B 33 -45.11 -2.12 -20.89
N SER B 34 -45.55 -2.98 -21.81
CA SER B 34 -46.61 -3.92 -21.54
C SER B 34 -46.29 -5.25 -22.21
N THR B 35 -46.68 -6.34 -21.56
CA THR B 35 -46.21 -7.66 -21.94
C THR B 35 -47.30 -8.68 -21.68
N SER B 36 -47.33 -9.73 -22.49
CA SER B 36 -47.94 -10.98 -22.07
C SER B 36 -46.99 -11.75 -21.16
N PRO B 37 -47.51 -12.49 -20.18
CA PRO B 37 -46.68 -13.49 -19.51
C PRO B 37 -45.97 -14.40 -20.49
N GLY B 38 -44.74 -14.77 -20.14
CA GLY B 38 -43.92 -15.62 -20.97
C GLY B 38 -43.16 -14.91 -22.08
N GLU B 39 -43.46 -13.64 -22.33
CA GLU B 39 -42.63 -12.84 -23.23
C GLU B 39 -41.27 -12.56 -22.60
N LYS B 40 -40.31 -12.23 -23.45
CA LYS B 40 -38.98 -11.83 -23.04
C LYS B 40 -38.77 -10.36 -23.40
N VAL B 41 -38.31 -9.57 -22.44
CA VAL B 41 -38.25 -8.12 -22.60
C VAL B 41 -36.96 -7.60 -21.98
N THR B 42 -36.53 -6.44 -22.47
CA THR B 42 -35.35 -5.76 -22.00
C THR B 42 -35.64 -4.27 -21.82
N MET B 43 -35.14 -3.72 -20.73
CA MET B 43 -35.27 -2.30 -20.44
C MET B 43 -33.88 -1.75 -20.15
N THR B 44 -33.67 -0.49 -20.52
CA THR B 44 -32.31 0.05 -20.61
C THR B 44 -32.19 1.32 -19.78
N CYS B 45 -30.99 1.53 -19.25
CA CYS B 45 -30.65 2.71 -18.47
C CYS B 45 -29.47 3.38 -19.13
N ARG B 46 -29.68 4.60 -19.63
CA ARG B 46 -28.65 5.35 -20.35
C ARG B 46 -28.10 6.45 -19.47
N ALA B 47 -26.79 6.49 -19.34
CA ALA B 47 -26.10 7.42 -18.44
C ALA B 47 -25.47 8.54 -19.24
N SER B 48 -25.71 9.78 -18.82
CA SER B 48 -25.11 10.93 -19.48
C SER B 48 -23.61 11.04 -19.21
N SER B 49 -23.08 10.26 -18.27
CA SER B 49 -21.66 10.08 -18.11
C SER B 49 -21.39 8.62 -17.76
N SER B 50 -20.18 8.17 -18.07
CA SER B 50 -19.87 6.75 -17.93
C SER B 50 -19.91 6.35 -16.47
N VAL B 51 -20.64 5.28 -16.18
CA VAL B 51 -20.82 4.76 -14.83
C VAL B 51 -20.05 3.46 -14.71
N GLY B 52 -19.29 3.31 -13.64
CA GLY B 52 -18.54 2.08 -13.46
C GLY B 52 -19.48 0.89 -13.35
N SER B 53 -19.10 -0.21 -13.99
CA SER B 53 -19.96 -1.39 -14.01
C SER B 53 -20.28 -1.89 -12.62
N SER B 54 -19.46 -1.55 -11.63
CA SER B 54 -19.69 -1.99 -10.27
C SER B 54 -20.71 -1.14 -9.52
N TYR B 55 -21.15 -0.01 -10.09
CA TYR B 55 -21.93 0.97 -9.36
C TYR B 55 -23.32 1.21 -9.95
N LEU B 56 -23.79 0.41 -10.89
CA LEU B 56 -25.16 0.54 -11.36
C LEU B 56 -26.04 -0.54 -10.75
N HIS B 57 -27.19 -0.13 -10.24
CA HIS B 57 -28.10 -1.00 -9.53
C HIS B 57 -29.48 -0.88 -10.16
N TRP B 58 -30.33 -1.87 -9.92
CA TRP B 58 -31.73 -1.80 -10.33
C TRP B 58 -32.63 -2.06 -9.13
N TYR B 59 -33.71 -1.30 -9.04
CA TYR B 59 -34.67 -1.44 -7.95
C TYR B 59 -36.04 -1.76 -8.54
N GLN B 60 -36.80 -2.59 -7.84
CA GLN B 60 -38.18 -2.86 -8.18
C GLN B 60 -39.09 -2.18 -7.18
N GLN B 61 -40.07 -1.42 -7.67
CA GLN B 61 -41.13 -0.88 -6.84
C GLN B 61 -42.46 -1.36 -7.37
N LYS B 62 -43.17 -2.12 -6.55
CA LYS B 62 -44.58 -2.41 -6.83
C LYS B 62 -45.44 -1.26 -6.34
N SER B 63 -46.60 -1.09 -6.99
CA SER B 63 -47.48 0.01 -6.64
C SER B 63 -47.87 -0.07 -5.17
N GLY B 64 -47.75 1.07 -4.48
CA GLY B 64 -48.16 1.16 -3.09
C GLY B 64 -47.17 0.63 -2.08
N ALA B 65 -45.96 0.25 -2.49
CA ALA B 65 -44.97 -0.29 -1.56
C ALA B 65 -43.61 0.32 -1.86
N SER B 66 -42.71 0.20 -0.89
CA SER B 66 -41.38 0.75 -1.05
C SER B 66 -40.63 0.00 -2.14
N PRO B 67 -39.70 0.67 -2.82
CA PRO B 67 -38.78 -0.05 -3.70
C PRO B 67 -38.00 -1.11 -2.94
N LYS B 68 -37.52 -2.10 -3.68
CA LYS B 68 -36.59 -3.08 -3.16
C LYS B 68 -35.39 -3.19 -4.10
N LEU B 69 -34.23 -3.44 -3.53
CA LEU B 69 -33.06 -3.73 -4.34
C LEU B 69 -33.32 -4.99 -5.16
N TRP B 70 -32.91 -4.95 -6.42
CA TRP B 70 -33.15 -6.06 -7.35
C TRP B 70 -31.88 -6.58 -7.96
N ILE B 71 -31.03 -5.70 -8.48
CA ILE B 71 -29.73 -6.07 -9.03
C ILE B 71 -28.74 -5.05 -8.51
N TYR B 72 -27.57 -5.51 -8.07
CA TYR B 72 -26.65 -4.65 -7.36
C TYR B 72 -25.30 -4.53 -8.07
N SER B 73 -25.31 -4.76 -9.38
CA SER B 73 -24.22 -4.36 -10.25
C SER B 73 -24.76 -4.48 -11.66
N THR B 74 -23.92 -4.61 -12.67
CA THR B 74 -24.44 -5.00 -13.97
C THR B 74 -25.33 -6.23 -13.85
N SER B 75 -24.92 -7.23 -13.06
CA SER B 75 -25.50 -8.57 -13.15
C SER B 75 -26.04 -9.12 -11.84
N ASN B 76 -25.35 -8.91 -10.73
CA ASN B 76 -25.63 -9.68 -9.52
C ASN B 76 -27.07 -9.49 -9.06
N LEU B 77 -27.84 -10.58 -9.05
CA LEU B 77 -29.19 -10.53 -8.52
C LEU B 77 -29.17 -10.42 -7.00
N ALA B 78 -30.09 -9.60 -6.46
CA ALA B 78 -30.20 -9.44 -5.03
C ALA B 78 -30.82 -10.69 -4.39
N SER B 79 -30.72 -10.75 -3.06
CA SER B 79 -31.23 -11.89 -2.31
C SER B 79 -32.74 -12.01 -2.46
N GLY B 80 -33.20 -13.20 -2.82
CA GLY B 80 -34.61 -13.47 -3.03
C GLY B 80 -35.13 -13.05 -4.39
N VAL B 81 -34.31 -12.48 -5.24
CA VAL B 81 -34.72 -12.14 -6.60
C VAL B 81 -34.76 -13.41 -7.44
N PRO B 82 -35.84 -13.68 -8.17
CA PRO B 82 -35.90 -14.92 -8.94
C PRO B 82 -34.94 -14.88 -10.12
N ALA B 83 -34.38 -16.05 -10.43
CA ALA B 83 -33.35 -16.16 -11.47
C ALA B 83 -33.84 -15.79 -12.86
N ARG B 84 -35.14 -15.58 -13.05
CA ARG B 84 -35.62 -15.18 -14.36
C ARG B 84 -35.03 -13.84 -14.79
N PHE B 85 -34.67 -12.99 -13.84
CA PHE B 85 -34.07 -11.70 -14.16
C PHE B 85 -32.59 -11.85 -14.44
N SER B 86 -32.07 -11.01 -15.33
CA SER B 86 -30.63 -10.84 -15.42
C SER B 86 -30.31 -9.42 -15.88
N GLY B 87 -29.16 -8.93 -15.43
CA GLY B 87 -28.64 -7.62 -15.81
C GLY B 87 -27.40 -7.78 -16.65
N SER B 88 -27.15 -6.83 -17.54
CA SER B 88 -26.04 -6.93 -18.48
C SER B 88 -25.68 -5.53 -18.97
N GLY B 89 -24.61 -5.47 -19.77
CA GLY B 89 -24.08 -4.22 -20.28
C GLY B 89 -23.09 -3.57 -19.35
N SER B 90 -22.51 -2.47 -19.83
CA SER B 90 -21.61 -1.66 -19.03
C SER B 90 -21.40 -0.32 -19.72
N GLY B 91 -20.80 0.61 -18.99
CA GLY B 91 -20.32 1.85 -19.57
C GLY B 91 -21.33 2.97 -19.51
N THR B 92 -22.04 3.21 -20.61
CA THR B 92 -23.11 4.19 -20.67
C THR B 92 -24.46 3.58 -21.02
N SER B 93 -24.55 2.28 -21.20
CA SER B 93 -25.80 1.63 -21.59
C SER B 93 -25.94 0.33 -20.81
N TYR B 94 -26.87 0.31 -19.86
CA TYR B 94 -27.11 -0.83 -19.00
C TYR B 94 -28.52 -1.35 -19.27
N SER B 95 -28.69 -2.66 -19.13
CA SER B 95 -29.96 -3.31 -19.45
C SER B 95 -30.35 -4.27 -18.36
N LEU B 96 -31.64 -4.32 -18.04
CA LEU B 96 -32.23 -5.39 -17.26
C LEU B 96 -33.09 -6.23 -18.19
N THR B 97 -32.92 -7.54 -18.12
CA THR B 97 -33.62 -8.47 -18.98
C THR B 97 -34.44 -9.43 -18.14
N ILE B 98 -35.58 -9.87 -18.69
CA ILE B 98 -36.40 -10.90 -18.08
C ILE B 98 -36.56 -12.01 -19.11
N SER B 99 -36.12 -13.22 -18.74
CA SER B 99 -36.16 -14.34 -19.67
C SER B 99 -37.58 -14.85 -19.87
N SER B 100 -38.42 -14.76 -18.85
CA SER B 100 -39.84 -15.06 -18.97
C SER B 100 -40.57 -14.20 -17.97
N VAL B 101 -41.38 -13.27 -18.47
CA VAL B 101 -42.09 -12.34 -17.60
C VAL B 101 -43.28 -13.03 -16.97
N GLU B 102 -43.55 -12.68 -15.71
CA GLU B 102 -44.56 -13.34 -14.89
C GLU B 102 -45.48 -12.29 -14.31
N ALA B 103 -46.77 -12.62 -14.25
CA ALA B 103 -47.75 -11.66 -13.78
C ALA B 103 -47.48 -11.20 -12.35
N GLU B 104 -46.69 -11.95 -11.60
CA GLU B 104 -46.42 -11.64 -10.20
C GLU B 104 -45.34 -10.60 -10.00
N ASP B 105 -44.71 -10.09 -11.06
CA ASP B 105 -43.88 -8.90 -10.91
C ASP B 105 -44.64 -7.64 -11.33
N ALA B 106 -44.74 -7.35 -12.63
CA ALA B 106 -45.61 -6.29 -13.14
C ALA B 106 -45.42 -4.99 -12.36
N ALA B 107 -44.16 -4.61 -12.17
CA ALA B 107 -43.79 -3.56 -11.24
C ALA B 107 -43.07 -2.43 -11.99
N THR B 108 -42.63 -1.43 -11.24
CA THR B 108 -41.84 -0.33 -11.78
C THR B 108 -40.39 -0.54 -11.40
N TYR B 109 -39.49 -0.44 -12.37
CA TYR B 109 -38.07 -0.69 -12.16
C TYR B 109 -37.29 0.59 -12.39
N TYR B 110 -36.43 0.94 -11.43
CA TYR B 110 -35.57 2.12 -11.51
C TYR B 110 -34.11 1.68 -11.49
N CYS B 111 -33.32 2.18 -12.44
CA CYS B 111 -31.89 2.05 -12.32
C CYS B 111 -31.34 3.12 -11.39
N GLN B 112 -30.10 2.93 -10.96
CA GLN B 112 -29.43 3.92 -10.14
C GLN B 112 -27.93 3.79 -10.33
N GLN B 113 -27.24 4.92 -10.38
CA GLN B 113 -25.79 4.96 -10.32
C GLN B 113 -25.36 5.36 -8.93
N PHE B 114 -24.30 4.71 -8.44
CA PHE B 114 -23.74 5.00 -7.13
C PHE B 114 -22.29 5.48 -7.21
N SER B 115 -21.77 5.71 -8.41
CA SER B 115 -20.35 6.02 -8.57
C SER B 115 -20.03 7.46 -8.21
N GLY B 116 -20.97 8.37 -8.38
CA GLY B 116 -20.67 9.78 -8.17
C GLY B 116 -21.88 10.52 -7.64
N TYR B 117 -21.61 11.60 -6.92
CA TYR B 117 -22.62 12.38 -6.23
C TYR B 117 -23.01 13.60 -7.06
N PRO B 118 -24.30 13.96 -7.08
CA PRO B 118 -25.42 13.32 -6.39
C PRO B 118 -25.82 12.00 -7.00
N LEU B 119 -26.31 11.08 -6.18
CA LEU B 119 -26.84 9.82 -6.68
C LEU B 119 -28.09 10.10 -7.51
N THR B 120 -28.19 9.45 -8.66
CA THR B 120 -29.30 9.67 -9.59
C THR B 120 -30.00 8.36 -9.87
N PHE B 121 -31.29 8.30 -9.56
CA PHE B 121 -32.15 7.26 -10.07
C PHE B 121 -32.62 7.60 -11.48
N GLY B 122 -32.92 6.56 -12.26
CA GLY B 122 -33.51 6.77 -13.55
C GLY B 122 -34.93 7.27 -13.46
N SER B 123 -35.45 7.69 -14.61
CA SER B 123 -36.85 8.10 -14.70
C SER B 123 -37.80 6.93 -14.46
N GLY B 124 -37.31 5.71 -14.41
CA GLY B 124 -38.14 4.56 -14.13
C GLY B 124 -38.85 4.04 -15.37
N THR B 125 -39.24 2.78 -15.31
CA THR B 125 -40.04 2.14 -16.34
C THR B 125 -40.94 1.11 -15.68
N LYS B 126 -42.04 0.77 -16.34
CA LYS B 126 -43.07 -0.06 -15.76
C LYS B 126 -43.47 -1.17 -16.72
N LEU B 127 -43.75 -2.35 -16.16
CA LEU B 127 -44.34 -3.47 -16.89
C LEU B 127 -45.82 -3.58 -16.53
N GLU B 128 -46.67 -3.45 -17.53
CA GLU B 128 -48.11 -3.66 -17.37
C GLU B 128 -48.52 -4.93 -18.10
N MET B 129 -49.13 -5.86 -17.38
CA MET B 129 -49.52 -7.12 -18.00
C MET B 129 -50.74 -6.91 -18.88
N LYS B 130 -50.66 -7.42 -20.11
CA LYS B 130 -51.77 -7.33 -21.05
C LYS B 130 -52.93 -8.22 -20.61
N VAL C 21 -34.46 -7.06 9.87
CA VAL C 21 -34.24 -5.64 9.65
C VAL C 21 -35.53 -4.98 9.17
N GLN C 22 -35.88 -3.86 9.78
CA GLN C 22 -36.89 -2.98 9.21
C GLN C 22 -36.59 -1.55 9.60
N LEU C 23 -36.98 -0.62 8.74
CA LEU C 23 -36.89 0.80 8.98
C LEU C 23 -38.30 1.38 8.94
N VAL C 24 -38.61 2.30 9.84
CA VAL C 24 -39.90 2.98 9.85
C VAL C 24 -39.68 4.47 10.06
N GLU C 25 -40.29 5.28 9.20
CA GLU C 25 -40.14 6.73 9.25
C GLU C 25 -41.28 7.35 10.04
N SER C 26 -41.02 8.55 10.56
CA SER C 26 -41.99 9.29 11.36
C SER C 26 -41.88 10.77 11.03
N GLY C 27 -42.99 11.47 11.21
CA GLY C 27 -43.09 12.86 10.76
C GLY C 27 -43.51 12.97 9.32
N GLY C 28 -44.19 14.05 9.02
CA GLY C 28 -44.83 14.21 7.72
C GLY C 28 -46.10 15.04 7.87
N GLY C 29 -47.02 14.82 6.94
CA GLY C 29 -48.25 15.58 6.92
C GLY C 29 -48.10 16.91 6.20
N LEU C 30 -48.84 17.91 6.67
CA LEU C 30 -48.98 19.18 5.99
C LEU C 30 -48.11 20.24 6.63
N VAL C 31 -47.34 20.94 5.80
CA VAL C 31 -46.51 22.06 6.23
C VAL C 31 -46.74 23.23 5.28
N LYS C 32 -46.72 24.43 5.82
CA LYS C 32 -46.90 25.61 4.97
C LYS C 32 -45.65 25.81 4.11
N PRO C 33 -45.81 26.26 2.86
CA PRO C 33 -44.65 26.64 2.07
C PRO C 33 -43.78 27.64 2.82
N GLY C 34 -42.47 27.49 2.68
CA GLY C 34 -41.55 28.26 3.49
C GLY C 34 -41.47 27.82 4.93
N GLY C 35 -42.22 26.80 5.33
CA GLY C 35 -42.17 26.27 6.67
C GLY C 35 -41.03 25.29 6.85
N SER C 36 -41.07 24.58 7.98
CA SER C 36 -40.00 23.68 8.36
C SER C 36 -40.58 22.44 8.99
N LEU C 37 -39.83 21.34 8.88
CA LEU C 37 -40.27 20.06 9.42
C LEU C 37 -39.03 19.22 9.72
N LYS C 38 -39.20 18.24 10.61
CA LYS C 38 -38.18 17.24 10.87
C LYS C 38 -38.76 15.86 10.64
N LEU C 39 -38.20 15.12 9.69
CA LEU C 39 -38.48 13.70 9.52
C LEU C 39 -37.57 12.87 10.42
N SER C 40 -38.04 11.70 10.82
CA SER C 40 -37.23 10.76 11.57
C SER C 40 -37.41 9.36 11.00
N CYS C 41 -36.37 8.55 11.14
CA CYS C 41 -36.38 7.15 10.73
C CYS C 41 -35.79 6.34 11.87
N ALA C 42 -36.50 5.29 12.28
CA ALA C 42 -36.06 4.41 13.35
C ALA C 42 -35.53 3.13 12.75
N ALA C 43 -34.34 2.71 13.19
CA ALA C 43 -33.66 1.55 12.66
C ALA C 43 -33.68 0.43 13.69
N SER C 44 -33.91 -0.79 13.21
CA SER C 44 -33.97 -1.94 14.10
C SER C 44 -33.56 -3.18 13.33
N GLY C 45 -33.08 -4.18 14.06
CA GLY C 45 -32.67 -5.44 13.47
C GLY C 45 -31.28 -5.48 12.90
N PHE C 46 -30.53 -4.38 12.95
CA PHE C 46 -29.14 -4.39 12.52
C PHE C 46 -28.36 -3.39 13.37
N THR C 47 -27.04 -3.58 13.39
CA THR C 47 -26.17 -2.65 14.11
C THR C 47 -26.13 -1.32 13.38
N PHE C 48 -27.03 -0.42 13.77
CA PHE C 48 -27.23 0.82 13.03
C PHE C 48 -25.95 1.65 12.93
N SER C 49 -25.10 1.59 13.95
CA SER C 49 -23.92 2.45 14.00
C SER C 49 -23.00 2.25 12.80
N SER C 50 -23.01 1.09 12.16
CA SER C 50 -22.03 0.79 11.11
C SER C 50 -22.62 0.79 9.70
N TYR C 51 -23.74 1.47 9.46
CA TYR C 51 -24.32 1.55 8.13
C TYR C 51 -24.60 2.99 7.74
N ALA C 52 -24.18 3.37 6.54
CA ALA C 52 -24.35 4.72 6.02
C ALA C 52 -25.76 4.87 5.45
N MET C 53 -26.66 5.43 6.25
CA MET C 53 -28.04 5.59 5.83
C MET C 53 -28.16 6.70 4.80
N SER C 54 -29.26 6.68 4.04
CA SER C 54 -29.55 7.73 3.07
C SER C 54 -31.04 8.05 3.13
N TRP C 55 -31.39 9.24 2.67
CA TRP C 55 -32.78 9.61 2.43
C TRP C 55 -33.04 9.68 0.94
N VAL C 56 -34.15 9.09 0.51
CA VAL C 56 -34.59 9.15 -0.87
C VAL C 56 -36.07 9.53 -0.86
N ARG C 57 -36.46 10.45 -1.73
CA ARG C 57 -37.82 10.92 -1.78
C ARG C 57 -38.43 10.57 -3.13
N GLN C 58 -39.73 10.28 -3.12
CA GLN C 58 -40.48 9.96 -4.33
C GLN C 58 -41.55 11.03 -4.54
N SER C 59 -41.44 11.76 -5.64
CA SER C 59 -42.45 12.72 -6.01
C SER C 59 -43.74 12.00 -6.40
N PRO C 60 -44.87 12.70 -6.42
CA PRO C 60 -46.13 12.04 -6.78
C PRO C 60 -46.16 11.49 -8.20
N GLU C 61 -45.30 11.97 -9.09
CA GLU C 61 -45.11 11.33 -10.38
C GLU C 61 -44.27 10.06 -10.28
N LYS C 62 -43.94 9.62 -9.07
CA LYS C 62 -43.16 8.41 -8.83
C LYS C 62 -41.75 8.49 -9.38
N ARG C 63 -41.23 9.70 -9.60
CA ARG C 63 -39.81 9.87 -9.87
C ARG C 63 -39.05 9.78 -8.54
N LEU C 64 -38.09 8.87 -8.47
CA LEU C 64 -37.20 8.80 -7.32
C LEU C 64 -36.11 9.86 -7.42
N GLU C 65 -35.70 10.36 -6.26
CA GLU C 65 -34.69 11.41 -6.20
C GLU C 65 -33.95 11.27 -4.88
N TRP C 66 -32.63 11.11 -4.95
CA TRP C 66 -31.83 11.01 -3.75
C TRP C 66 -31.68 12.37 -3.10
N VAL C 67 -31.93 12.44 -1.79
CA VAL C 67 -31.96 13.71 -1.06
C VAL C 67 -30.66 13.97 -0.31
N ALA C 68 -30.22 13.01 0.50
CA ALA C 68 -29.05 13.25 1.34
C ALA C 68 -28.51 11.90 1.81
N GLU C 69 -27.23 11.90 2.19
CA GLU C 69 -26.58 10.71 2.71
C GLU C 69 -25.74 11.10 3.91
N ILE C 70 -25.62 10.16 4.85
CA ILE C 70 -24.80 10.34 6.04
C ILE C 70 -24.03 9.05 6.29
N SER C 71 -22.72 9.18 6.52
CA SER C 71 -21.87 8.02 6.70
C SER C 71 -22.19 7.32 8.02
N SER C 72 -21.54 6.17 8.21
CA SER C 72 -21.73 5.38 9.42
C SER C 72 -21.65 6.24 10.69
N GLY C 73 -20.57 6.99 10.84
CA GLY C 73 -20.37 7.83 11.99
C GLY C 73 -20.83 9.27 11.86
N GLY C 74 -21.38 9.64 10.71
CA GLY C 74 -21.90 10.98 10.54
C GLY C 74 -20.87 12.03 10.18
N ARG C 75 -19.64 11.64 9.86
CA ARG C 75 -18.62 12.63 9.57
C ARG C 75 -18.58 13.03 8.10
N TYR C 76 -19.07 12.19 7.20
CA TYR C 76 -19.20 12.52 5.79
C TYR C 76 -20.67 12.68 5.44
N ILE C 77 -21.03 13.84 4.88
CA ILE C 77 -22.40 14.20 4.56
C ILE C 77 -22.45 14.66 3.12
N TYR C 78 -23.49 14.27 2.40
CA TYR C 78 -23.65 14.69 1.02
C TYR C 78 -25.11 15.05 0.77
N TYR C 79 -25.33 15.96 -0.18
CA TYR C 79 -26.65 16.43 -0.52
C TYR C 79 -26.76 16.58 -2.04
N SER C 80 -28.00 16.53 -2.53
CA SER C 80 -28.26 16.87 -3.92
C SER C 80 -28.42 18.37 -4.06
N ASP C 81 -28.10 18.89 -5.25
CA ASP C 81 -28.02 20.33 -5.44
C ASP C 81 -29.36 21.01 -5.20
N THR C 82 -30.46 20.29 -5.44
CA THR C 82 -31.78 20.85 -5.20
C THR C 82 -32.15 20.97 -3.73
N VAL C 83 -31.38 20.35 -2.83
CA VAL C 83 -31.71 20.34 -1.41
C VAL C 83 -30.64 21.08 -0.60
N THR C 84 -29.41 21.10 -1.11
CA THR C 84 -28.28 21.57 -0.33
C THR C 84 -28.57 22.94 0.30
N GLY C 85 -28.13 23.10 1.55
CA GLY C 85 -28.37 24.29 2.32
C GLY C 85 -29.76 24.43 2.92
N ARG C 86 -30.77 23.80 2.33
CA ARG C 86 -32.11 23.84 2.90
C ARG C 86 -32.34 22.76 3.95
N PHE C 87 -31.88 21.54 3.71
CA PHE C 87 -32.06 20.44 4.65
C PHE C 87 -30.79 20.21 5.45
N THR C 88 -30.92 19.39 6.48
CA THR C 88 -29.78 19.02 7.31
C THR C 88 -30.00 17.59 7.79
N ILE C 89 -29.27 16.64 7.21
CA ILE C 89 -29.34 15.27 7.67
C ILE C 89 -28.59 15.12 8.99
N SER C 90 -29.05 14.20 9.82
CA SER C 90 -28.51 14.02 11.16
C SER C 90 -28.79 12.59 11.60
N ARG C 91 -28.10 12.18 12.66
CA ARG C 91 -28.01 10.78 13.02
C ARG C 91 -27.87 10.65 14.53
N ASP C 92 -28.40 9.56 15.07
CA ASP C 92 -28.27 9.26 16.50
C ASP C 92 -27.90 7.79 16.64
N ASN C 93 -26.61 7.52 16.81
CA ASN C 93 -26.14 6.14 16.95
C ASN C 93 -26.42 5.55 18.31
N ALA C 94 -26.89 6.35 19.27
CA ALA C 94 -27.26 5.79 20.57
C ALA C 94 -28.68 5.22 20.56
N ARG C 95 -29.62 5.95 19.98
CA ARG C 95 -31.01 5.52 19.91
C ARG C 95 -31.38 4.86 18.60
N ASN C 96 -30.45 4.75 17.66
CA ASN C 96 -30.71 4.19 16.34
C ASN C 96 -31.81 4.95 15.61
N ILE C 97 -31.71 6.28 15.62
CA ILE C 97 -32.66 7.14 14.93
C ILE C 97 -31.90 7.90 13.85
N LEU C 98 -32.51 8.01 12.67
CA LEU C 98 -32.02 8.87 11.61
C LEU C 98 -32.98 10.05 11.46
N HIS C 99 -32.44 11.24 11.19
CA HIS C 99 -33.22 12.46 11.10
C HIS C 99 -32.95 13.17 9.78
N LEU C 100 -33.95 13.92 9.33
CA LEU C 100 -33.76 14.89 8.25
C LEU C 100 -34.50 16.17 8.64
N GLU C 101 -33.77 17.17 9.09
CA GLU C 101 -34.34 18.49 9.34
C GLU C 101 -34.54 19.22 8.02
N MET C 102 -35.62 19.99 7.94
CA MET C 102 -35.99 20.70 6.73
C MET C 102 -36.29 22.15 7.07
N SER C 103 -35.82 23.07 6.22
CA SER C 103 -36.10 24.48 6.36
C SER C 103 -36.29 25.08 4.98
N SER C 104 -37.08 26.16 4.91
CA SER C 104 -37.46 26.75 3.64
C SER C 104 -38.04 25.70 2.70
N LEU C 105 -39.03 24.96 3.22
CA LEU C 105 -39.73 24.00 2.38
C LEU C 105 -40.44 24.70 1.24
N ARG C 106 -40.49 24.03 0.09
CA ARG C 106 -41.10 24.56 -1.11
C ARG C 106 -42.06 23.53 -1.68
N SER C 107 -42.92 23.98 -2.59
CA SER C 107 -43.87 23.07 -3.22
C SER C 107 -43.17 21.85 -3.81
N GLU C 108 -42.00 22.04 -4.41
CA GLU C 108 -41.26 20.93 -4.98
C GLU C 108 -40.85 19.88 -3.95
N ASP C 109 -40.88 20.22 -2.66
CA ASP C 109 -40.55 19.25 -1.63
C ASP C 109 -41.72 18.31 -1.30
N THR C 110 -42.89 18.52 -1.87
CA THR C 110 -44.00 17.60 -1.65
C THR C 110 -43.66 16.23 -2.22
N ALA C 111 -43.49 15.24 -1.35
CA ALA C 111 -42.99 13.94 -1.79
C ALA C 111 -43.19 12.94 -0.65
N MET C 112 -43.04 11.66 -0.98
CA MET C 112 -42.84 10.62 0.01
C MET C 112 -41.35 10.41 0.21
N TYR C 113 -40.91 10.41 1.47
CA TYR C 113 -39.49 10.28 1.80
C TYR C 113 -39.23 8.88 2.33
N TYR C 114 -38.30 8.17 1.69
CA TYR C 114 -37.90 6.84 2.10
C TYR C 114 -36.56 6.88 2.82
N CYS C 115 -36.49 6.22 3.96
CA CYS C 115 -35.23 5.90 4.61
C CYS C 115 -34.59 4.72 3.89
N ALA C 116 -33.30 4.85 3.55
CA ALA C 116 -32.61 3.83 2.76
C ALA C 116 -31.26 3.50 3.37
N ARG C 117 -30.93 2.20 3.39
CA ARG C 117 -29.86 1.70 4.26
C ARG C 117 -28.48 1.87 3.62
N GLY C 118 -28.32 1.52 2.35
CA GLY C 118 -27.31 2.15 1.52
C GLY C 118 -25.85 2.04 1.92
N GLU C 119 -25.47 1.07 2.76
CA GLU C 119 -24.12 1.07 3.32
C GLU C 119 -23.04 0.98 2.25
N VAL C 120 -23.15 0.02 1.34
CA VAL C 120 -22.08 -0.30 0.40
C VAL C 120 -22.48 0.21 -0.97
N ARG C 121 -21.63 1.04 -1.57
CA ARG C 121 -21.94 1.59 -2.88
C ARG C 121 -22.08 0.49 -3.93
N GLN C 122 -21.33 -0.59 -3.81
CA GLN C 122 -21.49 -1.74 -4.69
C GLN C 122 -22.61 -2.68 -4.25
N ARG C 123 -23.58 -2.21 -3.47
CA ARG C 123 -24.75 -3.02 -3.12
C ARG C 123 -26.02 -2.20 -3.30
N GLY C 124 -25.91 -0.89 -3.20
CA GLY C 124 -27.06 -0.02 -3.35
C GLY C 124 -27.84 0.10 -2.06
N PHE C 125 -29.08 0.59 -2.19
CA PHE C 125 -29.96 0.75 -1.05
C PHE C 125 -30.69 -0.57 -0.80
N ASP C 126 -30.01 -1.47 -0.09
CA ASP C 126 -30.50 -2.83 0.06
C ASP C 126 -31.71 -2.95 0.97
N TYR C 127 -31.95 -1.99 1.86
CA TYR C 127 -33.17 -1.97 2.66
C TYR C 127 -33.80 -0.59 2.64
N TRP C 128 -35.13 -0.56 2.57
CA TRP C 128 -35.90 0.66 2.48
C TRP C 128 -36.94 0.70 3.59
N GLY C 129 -37.21 1.90 4.08
CA GLY C 129 -38.29 2.09 5.02
C GLY C 129 -39.65 2.06 4.35
N GLN C 130 -40.68 2.33 5.16
CA GLN C 130 -42.04 2.34 4.68
C GLN C 130 -42.36 3.62 3.91
N GLY C 131 -41.58 4.67 4.14
CA GLY C 131 -41.87 5.99 3.60
C GLY C 131 -42.92 6.71 4.40
N THR C 132 -42.81 8.03 4.47
CA THR C 132 -43.86 8.89 4.99
C THR C 132 -44.15 9.99 3.98
N THR C 133 -45.42 10.34 3.83
CA THR C 133 -45.81 11.39 2.91
C THR C 133 -45.59 12.75 3.53
N LEU C 134 -45.06 13.67 2.73
CA LEU C 134 -44.93 15.08 3.10
C LEU C 134 -45.60 15.91 2.03
N THR C 135 -46.46 16.83 2.43
CA THR C 135 -47.14 17.72 1.50
C THR C 135 -46.98 19.16 1.96
N VAL C 136 -46.70 20.04 1.00
CA VAL C 136 -46.34 21.42 1.26
C VAL C 136 -47.35 22.30 0.55
N SER C 137 -48.24 22.92 1.31
CA SER C 137 -49.33 23.72 0.76
C SER C 137 -49.98 24.47 1.90
N SER C 138 -50.81 25.45 1.54
CA SER C 138 -51.72 26.11 2.47
C SER C 138 -53.14 25.64 2.19
N ALA C 139 -53.80 25.09 3.20
CA ALA C 139 -55.10 24.47 3.03
C ALA C 139 -55.86 24.41 4.35
C14 A1H8F D . 16.02 -7.91 9.63
C13 A1H8F D . 17.24 -7.02 9.62
C12 A1H8F D . 17.34 -6.25 8.31
C17 A1H8F D . 13.76 3.11 2.76
C16 A1H8F D . 15.97 -1.20 4.17
C15 A1H8F D . 16.28 -9.07 8.69
C11 A1H8F D . 18.20 -4.30 7.04
N3 A1H8F D . 18.10 -5.03 8.29
C10 A1H8F D . 17.08 -3.26 7.05
C8 A1H8F D . 14.82 -1.48 6.31
C7 A1H8F D . 14.50 0.03 6.54
C5 A1H8F D . 15.21 0.09 4.13
O1 A1H8F D . 16.85 -6.65 7.31
C4 A1H8F D . 14.21 2.03 3.46
C9 A1H8F D . 16.56 -2.97 5.65
C1 A1H8F D . 12.66 3.91 4.76
C18 A1H8F D . 12.98 4.05 3.41
C2 A1H8F D . 13.12 2.80 5.47
C3 A1H8F D . 13.90 1.88 4.79
C6 A1H8F D . 14.54 0.62 5.23
N1 A1H8F D . 15.04 0.90 2.95
N2 A1H8F D . 16.12 -1.62 5.58
CL1 A1H8F D . 11.66 5.15 5.54
H17 A1H8F D . 15.14 -7.35 9.29
H16 A1H8F D . 15.85 -8.29 10.63
H14 A1H8F D . 17.17 -6.30 10.44
H15 A1H8F D . 18.12 -7.62 9.76
H23 A1H8F D . 14.02 3.21 1.71
H21 A1H8F D . 16.96 -1.07 3.73
H22 A1H8F D . 15.43 -1.96 3.63
H20 A1H8F D . 16.93 -8.78 7.89
H19 A1H8F D . 15.35 -9.43 8.28
H18 A1H8F D . 16.77 -9.86 9.24
H13 A1H8F D . 19.18 -3.81 6.99
H12 A1H8F D . 18.09 -4.97 6.20
H2 A1H8F D . 18.52 -4.68 9.12
H11 A1H8F D . 17.46 -2.35 7.51
H10 A1H8F D . 16.28 -3.65 7.66
H6 A1H8F D . 14.84 -2.00 7.25
H7 A1H8F D . 14.04 -1.87 5.67
H4 A1H8F D . 13.50 0.17 6.96
H5 A1H8F D . 15.25 0.48 7.15
H9 A1H8F D . 17.33 -3.14 4.91
H8 A1H8F D . 15.71 -3.61 5.45
H24 A1H8F D . 12.63 4.90 2.86
H3 A1H8F D . 12.88 2.67 6.52
H1 A1H8F D . 15.42 0.77 2.02
HN A1H8F D . 16.80 -1.03 6.03
CAA Y01 E . 5.08 -15.89 -3.12
CBA Y01 E . 3.79 -15.07 -3.28
CAB Y01 E . 3.13 -15.32 -4.63
CAN Y01 E . 2.83 -15.43 -2.12
CAJ Y01 E . 1.89 -14.21 -1.90
CAO Y01 E . 0.43 -14.70 -1.60
CBB Y01 E . -0.22 -13.69 -0.62
CAC Y01 E . -0.35 -12.37 -1.36
CBE Y01 E . -1.55 -14.15 -0.08
CAP Y01 E . -1.34 -15.49 0.70
CAQ Y01 E . -2.52 -15.47 1.90
CBG Y01 E . -3.27 -14.11 1.51
CBI Y01 E . -2.22 -13.21 0.96
CAE Y01 E . -1.18 -12.83 2.01
CAU Y01 E . -2.82 -12.09 0.34
CAS Y01 E . -3.96 -11.31 1.29
CBF Y01 E . -4.90 -12.35 1.93
CBD Y01 E . -3.97 -13.56 2.57
CAK Y01 E . -4.98 -14.53 3.22
CAI Y01 E . -6.04 -13.98 3.68
CAZ Y01 E . -6.38 -12.95 3.66
CAV Y01 E . -7.69 -12.66 4.30
CBH Y01 E . -5.71 -11.90 3.12
CAD Y01 E . -4.90 -11.25 4.24
CAT Y01 E . -6.82 -10.84 2.52
CAR Y01 E . -8.04 -11.74 1.99
CBC Y01 E . -8.74 -12.33 3.26
OAW Y01 E . -9.62 -11.44 3.89
CAY Y01 E . -10.20 -10.41 3.09
OAG Y01 E . -9.71 -9.35 3.05
CAM Y01 E . -11.43 -10.69 2.22
CAL Y01 E . -12.67 -10.62 3.11
CAX Y01 E . -12.91 -9.19 3.61
OAH Y01 E . -13.64 -9.01 4.62
OAF Y01 E . -12.37 -8.20 3.04
HAA1 Y01 E . 5.66 -15.48 -2.30
HAA2 Y01 E . 4.83 -16.93 -2.91
HAA3 Y01 E . 5.67 -15.84 -4.04
HBA Y01 E . 4.02 -14.03 -3.22
HAB1 Y01 E . 3.87 -15.71 -5.33
HAB2 Y01 E . 2.32 -16.03 -4.51
HAB3 Y01 E . 2.74 -14.37 -4.99
HAN1 Y01 E . 2.24 -16.31 -2.37
HAN2 Y01 E . 3.40 -15.61 -1.22
HAJ1 Y01 E . 2.26 -13.61 -1.08
HAJ2 Y01 E . 1.89 -13.62 -2.81
HAO1 Y01 E . -0.14 -14.74 -2.51
HAO2 Y01 E . 0.48 -15.67 -1.14
HBB Y01 E . 0.46 -13.56 0.20
HAC1 Y01 E . -1.35 -12.28 -1.78
HAC2 Y01 E . -0.15 -11.55 -0.68
HAC3 Y01 E . 0.35 -12.32 -2.17
HBE Y01 E . -2.23 -14.32 -0.90
HAP1 Y01 E . -1.48 -16.34 0.04
HAP2 Y01 E . -0.35 -15.49 1.15
HAQ1 Y01 E . -2.08 -15.40 2.89
HAQ2 Y01 E . -3.18 -16.32 1.82
HBG Y01 E . -3.98 -14.33 0.72
HBD Y01 E . -3.31 -13.15 3.29
HAE1 Y01 E . -0.73 -13.70 2.47
HAE2 Y01 E . -0.39 -12.25 1.56
HAE3 Y01 E . -1.63 -12.24 2.79
HAU1 Y01 E . -2.08 -11.36 0.08
HAU2 Y01 E . -3.31 -12.43 -0.57
HAS1 Y01 E . -4.54 -10.65 0.66
HAS2 Y01 E . -3.47 -10.73 2.05
HBF Y01 E . -5.55 -12.77 1.18
HAK1 Y01 E . -5.32 -15.15 2.40
HAK2 Y01 E . -4.46 -14.94 4.08
HAI Y01 E . -6.70 -14.70 4.15
HAV1 Y01 E . -7.55 -11.73 4.82
HAV2 Y01 E . -8.06 -13.54 4.83
HBC Y01 E . -9.26 -13.23 2.98
HAD1 Y01 E . -5.24 -10.22 4.39
HAD2 Y01 E . -3.84 -11.24 4.00
HAD3 Y01 E . -5.04 -11.80 5.15
HAT1 Y01 E . -7.17 -10.20 3.33
HAT2 Y01 E . -6.40 -10.24 1.73
HAR1 Y01 E . -7.64 -12.56 1.41
HAR2 Y01 E . -8.70 -11.16 1.36
HAM1 Y01 E . -11.50 -9.95 1.43
HAM2 Y01 E . -11.35 -11.68 1.79
HAL1 Y01 E . -13.53 -10.95 2.54
HAL2 Y01 E . -12.53 -11.27 3.96
C1 144 F . 10.95 -1.66 2.48
N 144 F . 12.00 -1.90 1.50
C2 144 F . 12.08 -0.83 0.54
O2 144 F . 10.75 -0.55 0.21
C3 144 F . 13.23 -1.93 2.27
O3 144 F . 14.32 -1.57 1.42
C4 144 F . 11.83 -3.18 0.85
O4 144 F . 11.12 -3.04 -0.39
H11 144 F . 10.05 -2.08 2.14
H12 144 F . 10.84 -0.62 2.64
H13 144 F . 11.22 -2.11 3.40
H21 144 F . 12.65 -1.12 -0.34
H22 144 F . 12.53 0.06 1.00
HO2 144 F . 10.38 -1.26 -0.34
H31 144 F . 13.38 -2.93 2.68
H32 144 F . 13.15 -1.22 3.10
HO3 144 F . 14.52 -2.30 0.83
H41 144 F . 11.27 -3.85 1.49
H42 144 F . 12.81 -3.63 0.66
HO4 144 F . 11.57 -3.53 -1.09
C1 CLR G . 0.07 -4.50 -15.48
C2 CLR G . -0.81 -3.27 -15.48
C3 CLR G . -1.38 -3.07 -14.11
C4 CLR G . -0.21 -2.72 -13.23
C5 CLR G . 0.81 -3.83 -13.27
C6 CLR G . 1.24 -4.31 -12.10
C7 CLR G . 2.20 -5.45 -11.98
C8 CLR G . 2.87 -5.79 -13.28
C9 CLR G . 1.94 -5.70 -14.46
C10 CLR G . 1.27 -4.35 -14.59
C11 CLR G . 2.70 -6.05 -15.71
C12 CLR G . 3.24 -7.47 -15.65
C13 CLR G . 4.13 -7.64 -14.46
C14 CLR G . 3.34 -7.23 -13.26
C15 CLR G . 4.26 -7.62 -12.13
C16 CLR G . 4.86 -8.94 -12.60
C17 CLR G . 4.51 -9.04 -14.07
C18 CLR G . 5.40 -6.82 -14.63
C19 CLR G . 2.20 -3.33 -15.19
C20 CLR G . 5.64 -9.67 -14.86
C21 CLR G . 5.39 -9.61 -16.34
C22 CLR G . 5.79 -11.12 -14.48
C23 CLR G . 7.08 -11.69 -15.02
C24 CLR G . 7.59 -12.71 -14.02
C25 CLR G . 8.58 -13.66 -14.63
C26 CLR G . 9.60 -12.92 -15.46
C27 CLR G . 9.26 -14.41 -13.53
O1 CLR G . -2.35 -2.01 -14.13
H11 CLR G . 0.39 -4.70 -16.50
H12 CLR G . -0.52 -5.36 -15.14
H21 CLR G . -1.62 -3.40 -16.20
H22 CLR G . -0.23 -2.40 -15.77
H3 CLR G . -1.83 -4.01 -13.75
H41 CLR G . -0.55 -2.57 -12.20
H42 CLR G . 0.25 -1.79 -13.58
H6 CLR G . 0.85 -3.88 -11.21
H71 CLR G . 2.97 -5.20 -11.26
H72 CLR G . 1.68 -6.34 -11.63
H8 CLR G . 3.70 -5.10 -13.42
H9 CLR G . 1.15 -6.46 -14.33
H111 CLR G . 3.55 -5.38 -15.83
H112 CLR G . 2.07 -5.96 -16.59
H121 CLR G . 3.78 -7.68 -16.57
H122 CLR G . 2.41 -8.17 -15.57
H14 CLR G . 2.45 -7.88 -13.21
H151 CLR G . 5.03 -6.86 -11.97
H152 CLR G . 3.69 -7.76 -11.20
H161 CLR G . 5.94 -8.93 -12.47
H162 CLR G . 4.44 -9.77 -12.05
H17 CLR G . 3.63 -9.68 -14.18
H181 CLR G . 5.22 -5.80 -14.45
H182 CLR G . 5.74 -6.91 -15.63
H183 CLR G . 6.16 -7.16 -13.98
H191 CLR G . 1.86 -2.36 -14.94
H192 CLR G . 2.22 -3.44 -16.24
H193 CLR G . 3.17 -3.47 -14.80
H20 CLR G . 6.59 -9.17 -14.63
H211 CLR G . 5.70 -8.67 -16.72
H212 CLR G . 4.36 -9.76 -16.52
H213 CLR G . 5.94 -10.36 -16.84
H221 CLR G . 4.94 -11.68 -14.90
H222 CLR G . 5.77 -11.24 -13.41
H231 CLR G . 7.81 -10.89 -15.15
H232 CLR G . 6.92 -12.17 -15.98
H241 CLR G . 6.74 -13.28 -13.63
H242 CLR G . 8.06 -12.19 -13.19
H25 CLR G . 8.04 -14.36 -15.28
H261 CLR G . 10.46 -13.52 -15.56
H262 CLR G . 9.84 -12.01 -14.98
H263 CLR G . 9.20 -12.72 -16.42
H271 CLR G . 9.49 -15.40 -13.86
H272 CLR G . 8.61 -14.47 -12.69
H273 CLR G . 10.15 -13.91 -13.27
H1 CLR G . -1.95 -1.24 -14.57
NA NA H . 10.26 -7.09 -0.91
CL CL I . 9.86 -11.07 0.76
#